data_8JPN
#
_entry.id   8JPN
#
_cell.length_a   1.00
_cell.length_b   1.00
_cell.length_c   1.00
_cell.angle_alpha   90.00
_cell.angle_beta   90.00
_cell.angle_gamma   90.00
#
_symmetry.space_group_name_H-M   'P 1'
#
loop_
_entity.id
_entity.type
_entity.pdbx_description
1 polymer 'Guanine nucleotide-binding protein G(i) subunit alpha-1'
2 polymer 'Guanine nucleotide-binding protein G(I)/G(S)/G(T) subunit beta-1'
3 polymer 'Guanine nucleotide-binding protein G(I)/G(S)/G(O) subunit gamma-2'
4 polymer 'Soluble cytochrome b562,Succinate receptor 1,Oplophorus-luciferin 2-monooxygenase catalytic subunit'
5 polymer scFv16
6 non-polymer '(2R,3S)-oxirane-2,3-dicarboxylic acid'
#
loop_
_entity_poly.entity_id
_entity_poly.type
_entity_poly.pdbx_seq_one_letter_code
_entity_poly.pdbx_strand_id
1 'polypeptide(L)'
;MGCTLSAEDKAAVERSKMIDRNLREDGEKAAREVKLLLLGAGESGKSTIVKQMKIIHEAGYSEEECKQYKAVVYSNTIQS
IIAIIRAMGRLKIDFGDSARADDARQLFVLAGAAEEGFMTAELAGVIKRLWKDSGVQACFNRSREYQLNDSAAYYLNDLD
RIAQPNYIPTQQDVLRTRVKTTGIVETHFTFKDLHFKMFDVGGQRSERKKWIHCFEGVTAIIFCVALSDYDLVLAEDEEM
NRMHESMKLFDSICNNKWFTDTSIILFLNKKDLFEEKIKKSPLTICYPEYAGSNTYEEAAAYIQCQFEDLNKRKDTKEIY
THFTCATDTKNVQFVFDAVTDVIIKNNLKDCGLF
;
A
2 'polypeptide(L)'
;MHHHHHHGSLLQSELDQLRQEAEQLKNQIRDARKACADATLSQITNNIDPVGRIQMRTRRTLRGHLAKIYAMHWGTDSRL
LVSASQDGKLIIWDSYTTNKVHAIPLRSSWVMTCAYAPSGNYVACGGLDNICSIYNLKTREGNVRVSRELAGHTGYLSCC
RFLDDNQIVTSSGDTTCALWDIETGQQTTTFTGHTGDVMSLSLAPDTRLFVSGACDASAKLWDVREGMCRQTFTGHESDI
NAICFFPNGNAFATGSDDATCRLFDLRADQELMTYSHDNIICGITSVSFSKSGRLLLAGYDDFNCNVWDALKADRAGVLA
GHDNRVSCLGVTDDGMAVATGSWDSFLKIWNGSSGGGGSGGGGSSGVSGWRLFKKIS
;
B
3 'polypeptide(L)' MASNNTASIAQARKLVEQLKMEANIDRIKVSKAAADLMAYCEAHAKEDPLLTPVPASENPFREKKFFCAIL C
4 'polypeptide(L)'
;MKTIIALSYIFCLVFADYKDDDDAGRAHHHHHHHHHHENLYFQSGAPADLEDNWETLNDNLKVIEKADNAAQVKDALTKM
RAAALDAQKATPPKLEDKSPDSPEMKDFRHGFDILVGQIDDALKLANEGKVKEAQAAAEQLKTTRNAYIQKYLLEVLFQG
PEFMLGIMAWNATCKNWLAAEAALEKYYLSIFYGIEFVVGVLGNTIVVFGYLFCLKNWNSSNIYLFNLSISDLAFLCTLP
MLIRSYANGNWIYGDVLCISNRYVLHANLYTSILFLTFISIDRYLIIKYPFREHLLQKKEFAILISLAIWVLVTLELLPI
LPLINPVITDNGTTCNDYASSGDPNYNLIYSMCLTLLGFLIPLFVMCFFYYKIALFLKQRNRQLATALPLEKPLNLVIMA
VVIFSVLFTPYHVMRNVRIASRLGSWKQYQCTQVVINSFYIVTRPLAFLNSVINPVFYFLLGDHFREMLMNKLRHNFKSL
TSFRRWAHELLLSFREKAAAVFTLEDFVGDWEQTAAYNLDQVLEQGGVSSLLQNLAVSVTPIQRIVRSGENALKIDIHVI
IPYEGLSADQMAQIEEVFKVVYPVDDHHFKVILPYGTLVIDGVTPNMLNYFGRPYEGIAVFDGKKITVTGTLWNGNKIID
ERLITPDGSMLFRVTINS
;
R
5 'polypeptide(L)'
;MVSAIVLYVLLAAAAHSAFADVQLVESGGGLVQPGGSRKLSCSASGFAFSSFGMHWVRQAPEKGLEWVAYISSGSGTIYY
ADTVKGRFTISRDDPKNTLFLQMTSLRSEDTAMYYCVRSIYYYGSSPFDFWGQGTTLTVSSGGGGSGGGGSGGGGSDIVM
TQATSSVPVTPGESVSISCRSSKSLLHSNGNTYLYWFLQRPGQSPQLLIYRMSNLASGVPDRFSGSGSGTAFTLTISRLE
AEDVGVYYCMQHLEYPLTFGAGTKLELKAAAENLYFQSHHHHHHHH
;
S
#
loop_
_chem_comp.id
_chem_comp.type
_chem_comp.name
_chem_comp.formula
U9S non-polymer '(2R,3S)-oxirane-2,3-dicarboxylic acid' 'C4 H4 O5'
#
# COMPACT_ATOMS: atom_id res chain seq x y z
N CYS A 3 -16.94 20.53 -8.18
CA CYS A 3 -17.45 21.83 -8.63
C CYS A 3 -17.91 22.66 -7.43
N THR A 4 -17.96 22.03 -6.26
CA THR A 4 -18.33 22.69 -5.01
C THR A 4 -17.13 22.87 -4.09
N LEU A 5 -15.93 22.86 -4.66
CA LEU A 5 -14.70 22.96 -3.89
C LEU A 5 -14.18 24.40 -3.91
N SER A 6 -13.81 24.90 -2.74
CA SER A 6 -13.18 26.21 -2.66
C SER A 6 -11.76 26.13 -3.23
N ALA A 7 -11.15 27.30 -3.40
CA ALA A 7 -9.83 27.36 -4.04
C ALA A 7 -8.78 26.58 -3.25
N GLU A 8 -8.79 26.72 -1.92
CA GLU A 8 -7.82 26.02 -1.10
C GLU A 8 -8.03 24.51 -1.12
N ASP A 9 -9.27 24.06 -1.26
CA ASP A 9 -9.54 22.64 -1.42
C ASP A 9 -8.91 22.10 -2.70
N LYS A 10 -9.04 22.84 -3.80
CA LYS A 10 -8.44 22.41 -5.05
C LYS A 10 -6.92 22.38 -4.95
N ALA A 11 -6.33 23.38 -4.28
CA ALA A 11 -4.89 23.37 -4.10
C ALA A 11 -4.43 22.16 -3.27
N ALA A 12 -5.19 21.82 -2.23
CA ALA A 12 -4.86 20.64 -1.43
C ALA A 12 -4.96 19.36 -2.26
N VAL A 13 -5.97 19.27 -3.11
CA VAL A 13 -6.10 18.10 -3.99
C VAL A 13 -4.92 17.99 -4.94
N GLU A 14 -4.47 19.13 -5.48
CA GLU A 14 -3.30 19.13 -6.36
C GLU A 14 -2.05 18.65 -5.62
N ARG A 15 -1.86 19.11 -4.38
CA ARG A 15 -0.73 18.65 -3.59
C ARG A 15 -0.80 17.13 -3.37
N SER A 16 -1.99 16.61 -3.07
CA SER A 16 -2.15 15.17 -2.87
C SER A 16 -1.81 14.40 -4.14
N LYS A 17 -2.21 14.91 -5.31
CA LYS A 17 -1.88 14.25 -6.57
C LYS A 17 -0.37 14.22 -6.79
N MET A 18 0.33 15.31 -6.48
CA MET A 18 1.78 15.32 -6.63
C MET A 18 2.43 14.29 -5.69
N ILE A 19 1.92 14.18 -4.47
CA ILE A 19 2.45 13.17 -3.54
C ILE A 19 2.23 11.77 -4.10
N ASP A 20 1.05 11.52 -4.67
CA ASP A 20 0.78 10.21 -5.28
C ASP A 20 1.76 9.89 -6.40
N ARG A 21 2.04 10.89 -7.25
CA ARG A 21 2.98 10.69 -8.35
C ARG A 21 4.36 10.32 -7.83
N ASN A 22 4.83 11.04 -6.81
CA ASN A 22 6.15 10.75 -6.25
C ASN A 22 6.20 9.36 -5.63
N LEU A 23 5.13 8.96 -4.91
CA LEU A 23 5.09 7.62 -4.32
C LEU A 23 5.17 6.55 -5.38
N ARG A 24 4.42 6.72 -6.48
CA ARG A 24 4.44 5.73 -7.54
C ARG A 24 5.82 5.63 -8.19
N GLU A 25 6.48 6.77 -8.42
CA GLU A 25 7.81 6.74 -8.99
C GLU A 25 8.81 6.03 -8.07
N ASP A 26 8.73 6.31 -6.77
CA ASP A 26 9.62 5.64 -5.83
C ASP A 26 9.38 4.14 -5.80
N GLY A 27 8.13 3.72 -5.83
CA GLY A 27 7.83 2.29 -5.87
C GLY A 27 8.36 1.62 -7.13
N GLU A 28 8.19 2.28 -8.28
CA GLU A 28 8.73 1.72 -9.52
C GLU A 28 10.25 1.59 -9.45
N LYS A 29 10.93 2.59 -8.89
CA LYS A 29 12.38 2.50 -8.74
C LYS A 29 12.77 1.34 -7.82
N ALA A 30 12.05 1.18 -6.71
CA ALA A 30 12.44 0.16 -5.73
C ALA A 30 12.10 -1.25 -6.18
N ALA A 31 11.16 -1.42 -7.11
CA ALA A 31 10.77 -2.76 -7.54
C ALA A 31 11.82 -3.45 -8.40
N ARG A 32 12.88 -2.75 -8.83
CA ARG A 32 13.89 -3.31 -9.72
C ARG A 32 15.17 -3.66 -8.99
N GLU A 33 15.07 -4.18 -7.77
CA GLU A 33 16.22 -4.53 -6.95
C GLU A 33 16.06 -5.95 -6.44
N VAL A 34 17.19 -6.59 -6.15
CA VAL A 34 17.20 -7.95 -5.61
C VAL A 34 17.44 -7.87 -4.11
N LYS A 35 16.61 -8.57 -3.34
CA LYS A 35 16.72 -8.58 -1.88
C LYS A 35 17.05 -9.98 -1.40
N LEU A 36 18.10 -10.10 -0.59
CA LEU A 36 18.60 -11.37 -0.11
C LEU A 36 18.64 -11.37 1.41
N LEU A 37 18.26 -12.49 2.02
CA LEU A 37 18.34 -12.64 3.47
C LEU A 37 19.47 -13.59 3.81
N LEU A 38 20.38 -13.16 4.69
CA LEU A 38 21.59 -13.93 4.99
C LEU A 38 21.45 -14.57 6.37
N LEU A 39 21.67 -15.88 6.44
CA LEU A 39 21.49 -16.66 7.66
C LEU A 39 22.63 -17.63 7.86
N GLY A 40 22.80 -18.05 9.11
CA GLY A 40 23.82 -19.00 9.50
C GLY A 40 23.78 -19.28 10.99
N ALA A 41 24.34 -20.40 11.41
CA ALA A 41 24.32 -20.81 12.82
C ALA A 41 25.66 -20.45 13.45
N GLY A 42 25.66 -19.40 14.27
CA GLY A 42 26.89 -18.97 14.89
C GLY A 42 27.87 -18.44 13.86
N GLU A 43 29.16 -18.63 14.15
CA GLU A 43 30.22 -18.21 13.24
C GLU A 43 30.45 -19.32 12.22
N SER A 44 30.18 -19.01 10.95
CA SER A 44 30.30 -19.99 9.87
C SER A 44 30.90 -19.36 8.62
N GLY A 45 31.76 -18.35 8.78
CA GLY A 45 32.30 -17.65 7.63
C GLY A 45 31.36 -16.63 7.02
N LYS A 46 30.31 -16.26 7.74
CA LYS A 46 29.32 -15.32 7.20
C LYS A 46 29.95 -13.95 6.92
N SER A 47 30.77 -13.46 7.85
CA SER A 47 31.48 -12.20 7.63
C SER A 47 32.43 -12.30 6.46
N THR A 48 33.08 -13.47 6.29
CA THR A 48 33.94 -13.67 5.13
C THR A 48 33.15 -13.56 3.84
N ILE A 49 31.95 -14.15 3.80
CA ILE A 49 31.11 -14.04 2.61
C ILE A 49 30.70 -12.59 2.37
N VAL A 50 30.38 -11.86 3.43
CA VAL A 50 30.01 -10.46 3.28
C VAL A 50 31.15 -9.67 2.66
N LYS A 51 32.36 -9.90 3.15
CA LYS A 51 33.53 -9.25 2.56
C LYS A 51 33.73 -9.68 1.11
N GLN A 52 33.48 -10.95 0.82
CA GLN A 52 33.67 -11.45 -0.54
C GLN A 52 32.72 -10.78 -1.53
N MET A 53 31.43 -10.68 -1.18
CA MET A 53 30.48 -10.03 -2.07
C MET A 53 30.74 -8.53 -2.15
N LYS A 54 31.05 -7.88 -1.02
CA LYS A 54 31.30 -6.45 -1.07
C LYS A 54 32.53 -6.13 -1.90
N ILE A 55 33.60 -6.91 -1.74
CA ILE A 55 34.81 -6.72 -2.52
C ILE A 55 35.45 -8.06 -2.87
N THR A 181 24.39 -4.58 17.37
CA THR A 181 24.39 -3.26 17.99
C THR A 181 23.36 -2.36 17.32
N THR A 182 23.37 -2.34 15.99
CA THR A 182 22.43 -1.55 15.21
C THR A 182 21.16 -2.31 14.84
N GLY A 183 21.02 -3.55 15.28
CA GLY A 183 19.82 -4.33 15.01
C GLY A 183 19.89 -5.15 13.75
N ILE A 184 19.83 -4.48 12.59
CA ILE A 184 19.86 -5.15 11.30
C ILE A 184 20.89 -4.44 10.42
N VAL A 185 21.69 -5.21 9.69
CA VAL A 185 22.77 -4.66 8.88
C VAL A 185 22.43 -4.88 7.41
N GLU A 186 22.60 -3.83 6.60
CA GLU A 186 22.30 -3.87 5.18
C GLU A 186 23.55 -3.60 4.37
N THR A 187 23.76 -4.40 3.33
CA THR A 187 24.89 -4.23 2.42
C THR A 187 24.37 -4.10 1.00
N HIS A 188 24.82 -3.08 0.28
CA HIS A 188 24.42 -2.83 -1.09
C HIS A 188 25.61 -3.02 -2.02
N PHE A 189 25.38 -3.64 -3.18
CA PHE A 189 26.43 -3.77 -4.16
C PHE A 189 25.82 -4.02 -5.54
N THR A 190 26.67 -3.93 -6.55
CA THR A 190 26.29 -4.05 -7.94
C THR A 190 27.18 -5.06 -8.63
N PHE A 191 26.61 -5.81 -9.57
CA PHE A 191 27.37 -6.80 -10.34
C PHE A 191 26.66 -7.00 -11.67
N LYS A 192 27.31 -6.60 -12.76
CA LYS A 192 26.80 -6.77 -14.12
C LYS A 192 25.43 -6.09 -14.28
N ASP A 193 25.39 -4.81 -13.90
CA ASP A 193 24.20 -3.97 -14.05
C ASP A 193 23.00 -4.58 -13.32
N LEU A 194 23.20 -4.95 -12.05
CA LEU A 194 22.14 -5.47 -11.21
C LEU A 194 22.44 -5.08 -9.77
N HIS A 195 21.40 -4.70 -9.04
CA HIS A 195 21.55 -4.15 -7.69
C HIS A 195 21.06 -5.15 -6.65
N PHE A 196 21.90 -5.40 -5.65
CA PHE A 196 21.60 -6.34 -4.59
C PHE A 196 21.52 -5.64 -3.25
N LYS A 197 20.68 -6.17 -2.36
CA LYS A 197 20.52 -5.68 -1.01
C LYS A 197 20.53 -6.88 -0.08
N MET A 198 21.60 -7.06 0.67
CA MET A 198 21.77 -8.20 1.56
C MET A 198 21.49 -7.77 2.99
N PHE A 199 20.58 -8.49 3.65
CA PHE A 199 20.15 -8.19 5.01
C PHE A 199 20.69 -9.24 5.96
N ASP A 200 21.43 -8.80 6.97
CA ASP A 200 22.00 -9.65 8.00
C ASP A 200 21.36 -9.31 9.33
N VAL A 201 20.80 -10.33 9.99
CA VAL A 201 19.99 -10.14 11.20
C VAL A 201 20.59 -10.92 12.35
N GLY A 202 21.91 -11.09 12.36
CA GLY A 202 22.56 -11.84 13.43
C GLY A 202 22.56 -11.10 14.76
N GLY A 203 22.40 -9.78 14.73
CA GLY A 203 22.38 -9.02 15.98
C GLY A 203 21.07 -9.05 16.72
N GLN A 204 20.00 -9.51 16.08
CA GLN A 204 18.70 -9.64 16.74
C GLN A 204 18.74 -10.90 17.60
N ARG A 205 18.84 -10.70 18.92
CA ARG A 205 18.89 -11.80 19.87
C ARG A 205 17.54 -12.12 20.49
N SER A 206 16.47 -11.49 20.01
CA SER A 206 15.13 -11.72 20.54
C SER A 206 14.51 -12.93 19.88
N GLU A 207 13.21 -13.14 20.10
CA GLU A 207 12.53 -14.31 19.56
C GLU A 207 12.33 -14.15 18.06
N ARG A 208 12.85 -15.12 17.29
CA ARG A 208 12.76 -15.04 15.83
C ARG A 208 11.34 -15.22 15.34
N LYS A 209 10.49 -15.90 16.10
CA LYS A 209 9.13 -16.16 15.68
C LYS A 209 8.30 -14.89 15.55
N LYS A 210 8.74 -13.79 16.17
CA LYS A 210 7.96 -12.57 16.20
C LYS A 210 8.27 -11.60 15.06
N TRP A 211 9.36 -11.81 14.32
CA TRP A 211 9.71 -10.88 13.26
C TRP A 211 10.20 -11.54 11.98
N ILE A 212 10.17 -12.87 11.87
CA ILE A 212 10.66 -13.49 10.64
C ILE A 212 9.72 -13.21 9.48
N HIS A 213 8.43 -13.05 9.74
CA HIS A 213 7.45 -12.81 8.69
C HIS A 213 7.67 -11.47 8.00
N CYS A 214 8.50 -10.59 8.55
CA CYS A 214 8.87 -9.36 7.86
C CYS A 214 9.64 -9.63 6.58
N PHE A 215 10.26 -10.80 6.45
CA PHE A 215 11.07 -11.13 5.28
C PHE A 215 10.38 -12.13 4.36
N GLU A 216 9.05 -12.07 4.28
CA GLU A 216 8.31 -13.07 3.54
C GLU A 216 8.55 -12.99 2.04
N GLY A 217 8.78 -11.79 1.50
CA GLY A 217 8.88 -11.62 0.06
C GLY A 217 10.28 -11.46 -0.50
N VAL A 218 11.31 -11.93 0.20
CA VAL A 218 12.66 -11.80 -0.33
C VAL A 218 12.83 -12.69 -1.55
N THR A 219 13.85 -12.37 -2.35
CA THR A 219 14.14 -13.17 -3.53
C THR A 219 14.78 -14.51 -3.16
N ALA A 220 15.73 -14.50 -2.23
CA ALA A 220 16.42 -15.73 -1.88
C ALA A 220 17.02 -15.63 -0.48
N ILE A 221 17.35 -16.78 0.07
CA ILE A 221 18.00 -16.90 1.37
C ILE A 221 19.36 -17.53 1.16
N ILE A 222 20.40 -16.86 1.64
CA ILE A 222 21.77 -17.39 1.59
C ILE A 222 22.10 -17.96 2.96
N PHE A 223 22.30 -19.27 3.02
CA PHE A 223 22.58 -19.98 4.26
C PHE A 223 24.03 -20.43 4.26
N CYS A 224 24.77 -20.03 5.29
CA CYS A 224 26.20 -20.33 5.39
C CYS A 224 26.42 -21.45 6.40
N VAL A 225 27.23 -22.44 6.03
CA VAL A 225 27.56 -23.57 6.89
C VAL A 225 29.05 -23.83 6.82
N ALA A 226 29.68 -24.03 7.98
CA ALA A 226 31.12 -24.29 8.06
C ALA A 226 31.35 -25.79 8.06
N LEU A 227 32.17 -26.26 7.10
CA LEU A 227 32.46 -27.68 6.99
C LEU A 227 33.44 -28.17 8.04
N SER A 228 34.18 -27.29 8.69
CA SER A 228 35.18 -27.66 9.67
C SER A 228 34.58 -27.87 11.06
N ASP A 229 33.27 -27.77 11.20
CA ASP A 229 32.59 -27.90 12.48
C ASP A 229 32.09 -29.32 12.73
N TYR A 230 32.41 -30.26 11.82
CA TYR A 230 31.88 -31.61 11.94
C TYR A 230 32.39 -32.36 13.17
N ASP A 231 33.48 -31.89 13.78
CA ASP A 231 34.02 -32.51 14.98
C ASP A 231 34.10 -31.58 16.17
N LEU A 232 33.91 -30.28 15.99
CA LEU A 232 33.89 -29.35 17.10
C LEU A 232 32.57 -29.46 17.86
N VAL A 233 32.61 -29.06 19.13
CA VAL A 233 31.46 -29.14 20.01
C VAL A 233 31.19 -27.76 20.60
N LEU A 234 29.94 -27.31 20.54
CA LEU A 234 29.56 -26.07 21.18
C LEU A 234 29.74 -26.18 22.69
N ALA A 235 30.37 -25.18 23.28
CA ALA A 235 30.73 -25.21 24.70
C ALA A 235 29.56 -24.81 25.59
N GLU A 236 28.41 -25.46 25.38
CA GLU A 236 27.22 -25.24 26.22
C GLU A 236 26.80 -26.51 26.94
N ASP A 237 26.62 -27.61 26.22
CA ASP A 237 26.24 -28.88 26.82
C ASP A 237 27.31 -29.95 26.66
N GLU A 238 28.33 -29.70 25.84
CA GLU A 238 29.41 -30.66 25.58
C GLU A 238 28.89 -31.98 25.03
N GLU A 239 27.70 -31.98 24.47
CA GLU A 239 27.08 -33.18 23.92
C GLU A 239 26.61 -33.00 22.48
N MET A 240 26.13 -31.81 22.12
CA MET A 240 25.63 -31.53 20.78
C MET A 240 26.71 -30.78 20.01
N ASN A 241 27.21 -31.38 18.93
CA ASN A 241 28.20 -30.72 18.10
C ASN A 241 27.54 -29.64 17.25
N ARG A 242 28.39 -28.77 16.69
CA ARG A 242 27.87 -27.58 15.99
C ARG A 242 27.12 -27.96 14.73
N MET A 243 27.58 -29.00 14.02
CA MET A 243 26.96 -29.36 12.75
C MET A 243 25.51 -29.80 12.94
N HIS A 244 25.23 -30.54 14.01
CA HIS A 244 23.86 -30.95 14.28
C HIS A 244 22.97 -29.78 14.69
N GLU A 245 23.56 -28.69 15.20
CA GLU A 245 22.77 -27.48 15.43
C GLU A 245 22.49 -26.75 14.12
N SER A 246 23.48 -26.72 13.22
CA SER A 246 23.25 -26.13 11.91
C SER A 246 22.17 -26.87 11.14
N MET A 247 22.16 -28.20 11.23
CA MET A 247 21.11 -28.97 10.57
C MET A 247 19.73 -28.64 11.13
N LYS A 248 19.63 -28.47 12.45
CA LYS A 248 18.35 -28.11 13.05
C LYS A 248 17.89 -26.74 12.57
N LEU A 249 18.80 -25.77 12.53
CA LEU A 249 18.43 -24.44 12.05
C LEU A 249 18.01 -24.47 10.58
N PHE A 250 18.73 -25.22 9.76
CA PHE A 250 18.37 -25.34 8.34
C PHE A 250 17.01 -25.99 8.17
N ASP A 251 16.73 -27.04 8.96
CA ASP A 251 15.42 -27.68 8.90
C ASP A 251 14.31 -26.71 9.30
N SER A 252 14.55 -25.92 10.35
CA SER A 252 13.54 -24.96 10.79
C SER A 252 13.30 -23.88 9.75
N ILE A 253 14.34 -23.41 9.06
CA ILE A 253 14.16 -22.33 8.11
C ILE A 253 13.58 -22.83 6.79
N CYS A 254 14.08 -23.97 6.30
CA CYS A 254 13.65 -24.47 4.99
C CYS A 254 12.17 -24.82 4.97
N ASN A 255 11.67 -25.43 6.05
CA ASN A 255 10.29 -25.87 6.11
C ASN A 255 9.38 -24.87 6.81
N ASN A 256 9.79 -23.60 6.87
CA ASN A 256 8.97 -22.57 7.47
C ASN A 256 7.73 -22.30 6.62
N LYS A 257 6.68 -21.81 7.28
CA LYS A 257 5.43 -21.51 6.58
C LYS A 257 5.49 -20.19 5.81
N TRP A 258 6.43 -19.32 6.13
CA TRP A 258 6.58 -18.06 5.41
C TRP A 258 7.50 -18.18 4.19
N PHE A 259 8.21 -19.30 4.05
CA PHE A 259 9.19 -19.50 2.99
C PHE A 259 8.90 -20.78 2.21
N THR A 260 7.64 -20.99 1.83
CA THR A 260 7.29 -22.21 1.13
C THR A 260 7.76 -22.23 -0.31
N ASP A 261 8.00 -21.07 -0.92
CA ASP A 261 8.44 -20.97 -2.31
C ASP A 261 9.61 -20.01 -2.44
N THR A 262 10.57 -20.09 -1.53
CA THR A 262 11.75 -19.23 -1.55
C THR A 262 12.97 -20.10 -1.77
N SER A 263 13.82 -19.68 -2.71
CA SER A 263 15.02 -20.44 -3.03
C SER A 263 16.12 -20.20 -2.02
N ILE A 264 16.93 -21.22 -1.80
CA ILE A 264 18.01 -21.22 -0.83
C ILE A 264 19.32 -21.45 -1.56
N ILE A 265 20.27 -20.55 -1.37
CA ILE A 265 21.64 -20.71 -1.82
C ILE A 265 22.47 -21.15 -0.62
N LEU A 266 23.00 -22.37 -0.70
CA LEU A 266 23.72 -22.98 0.40
C LEU A 266 25.22 -22.85 0.15
N PHE A 267 25.92 -22.20 1.07
CA PHE A 267 27.37 -22.03 0.98
C PHE A 267 28.02 -22.95 2.00
N LEU A 268 28.98 -23.75 1.54
CA LEU A 268 29.72 -24.67 2.39
C LEU A 268 31.16 -24.15 2.45
N ASN A 269 31.51 -23.52 3.56
CA ASN A 269 32.77 -22.80 3.70
C ASN A 269 33.85 -23.68 4.30
N LYS A 270 35.08 -23.19 4.22
CA LYS A 270 36.24 -23.79 4.88
C LYS A 270 36.54 -25.18 4.38
N LYS A 271 36.62 -25.35 3.05
CA LYS A 271 36.96 -26.66 2.49
C LYS A 271 38.44 -26.99 2.69
N ASP A 272 39.30 -25.97 2.68
CA ASP A 272 40.73 -26.20 2.86
C ASP A 272 41.02 -26.74 4.26
N LEU A 273 40.42 -26.15 5.29
CA LEU A 273 40.58 -26.66 6.64
C LEU A 273 39.97 -28.05 6.78
N PHE A 274 38.85 -28.29 6.10
CA PHE A 274 38.22 -29.60 6.12
C PHE A 274 39.16 -30.65 5.54
N GLU A 275 39.87 -30.31 4.48
CA GLU A 275 40.79 -31.26 3.85
C GLU A 275 41.84 -31.75 4.83
N GLU A 276 42.39 -30.85 5.65
CA GLU A 276 43.37 -31.26 6.64
C GLU A 276 42.72 -32.02 7.78
N LYS A 277 41.58 -31.52 8.27
CA LYS A 277 40.95 -32.13 9.43
C LYS A 277 40.38 -33.51 9.13
N ILE A 278 40.20 -33.86 7.86
CA ILE A 278 39.67 -35.18 7.51
C ILE A 278 40.59 -36.29 8.02
N LYS A 279 41.90 -36.13 7.81
CA LYS A 279 42.85 -37.17 8.20
C LYS A 279 42.90 -37.34 9.71
N LYS A 280 42.95 -36.22 10.45
CA LYS A 280 43.11 -36.31 11.90
C LYS A 280 41.88 -36.91 12.57
N SER A 281 40.69 -36.50 12.15
CA SER A 281 39.44 -36.95 12.76
C SER A 281 38.54 -37.55 11.68
N PRO A 282 38.08 -38.78 11.83
CA PRO A 282 37.19 -39.38 10.83
C PRO A 282 35.79 -38.78 10.90
N LEU A 283 35.08 -38.85 9.76
CA LEU A 283 33.73 -38.35 9.68
C LEU A 283 32.73 -39.20 10.45
N THR A 284 33.13 -40.39 10.89
CA THR A 284 32.24 -41.23 11.69
C THR A 284 31.94 -40.62 13.06
N ILE A 285 32.70 -39.62 13.49
CA ILE A 285 32.42 -38.96 14.75
C ILE A 285 31.06 -38.28 14.72
N CYS A 286 30.74 -37.62 13.62
CA CYS A 286 29.47 -36.90 13.50
C CYS A 286 28.35 -37.79 12.94
N TYR A 287 28.66 -38.66 11.99
CA TYR A 287 27.68 -39.54 11.37
C TYR A 287 27.97 -40.99 11.71
N PRO A 288 27.22 -41.62 12.60
CA PRO A 288 27.46 -43.04 12.90
C PRO A 288 27.18 -43.96 11.72
N GLU A 289 26.36 -43.56 10.76
CA GLU A 289 25.94 -44.42 9.67
C GLU A 289 26.75 -44.19 8.39
N TYR A 290 27.86 -43.45 8.47
CA TYR A 290 28.68 -43.23 7.29
C TYR A 290 29.27 -44.55 6.81
N ALA A 291 29.23 -44.78 5.50
CA ALA A 291 29.87 -45.95 4.92
C ALA A 291 31.38 -45.92 5.15
N GLY A 292 32.00 -44.76 4.98
CA GLY A 292 33.41 -44.61 5.28
C GLY A 292 34.32 -44.60 4.07
N SER A 293 34.78 -43.41 3.69
CA SER A 293 35.77 -43.29 2.62
C SER A 293 36.96 -42.46 3.10
N ASN A 294 36.70 -41.55 4.05
CA ASN A 294 37.73 -40.73 4.67
C ASN A 294 38.55 -39.96 3.63
N THR A 295 37.85 -39.41 2.63
CA THR A 295 38.47 -38.56 1.63
C THR A 295 37.59 -37.34 1.42
N TYR A 296 38.21 -36.27 0.92
CA TYR A 296 37.47 -35.01 0.75
C TYR A 296 36.34 -35.17 -0.25
N GLU A 297 36.59 -35.88 -1.36
CA GLU A 297 35.60 -35.97 -2.42
C GLU A 297 34.32 -36.65 -1.94
N GLU A 298 34.45 -37.72 -1.16
CA GLU A 298 33.28 -38.43 -0.66
C GLU A 298 32.66 -37.77 0.56
N ALA A 299 33.46 -37.22 1.47
CA ALA A 299 32.93 -36.54 2.64
C ALA A 299 32.12 -35.31 2.27
N ALA A 300 32.63 -34.52 1.31
CA ALA A 300 31.88 -33.34 0.87
C ALA A 300 30.54 -33.74 0.28
N ALA A 301 30.53 -34.77 -0.56
CA ALA A 301 29.28 -35.24 -1.15
C ALA A 301 28.31 -35.74 -0.08
N TYR A 302 28.83 -36.47 0.91
CA TYR A 302 27.96 -36.96 1.97
C TYR A 302 27.33 -35.83 2.76
N ILE A 303 28.12 -34.82 3.12
CA ILE A 303 27.59 -33.69 3.90
C ILE A 303 26.55 -32.93 3.08
N GLN A 304 26.86 -32.69 1.79
CA GLN A 304 25.91 -32.00 0.94
C GLN A 304 24.61 -32.77 0.80
N CYS A 305 24.69 -34.11 0.68
CA CYS A 305 23.48 -34.92 0.60
C CYS A 305 22.67 -34.84 1.89
N GLN A 306 23.36 -34.88 3.04
CA GLN A 306 22.66 -34.79 4.31
C GLN A 306 21.92 -33.47 4.44
N PHE A 307 22.53 -32.37 3.99
CA PHE A 307 21.87 -31.08 4.09
C PHE A 307 20.72 -30.96 3.09
N GLU A 308 20.93 -31.42 1.85
CA GLU A 308 19.89 -31.33 0.83
C GLU A 308 18.73 -32.29 1.09
N ASP A 309 18.91 -33.29 1.94
CA ASP A 309 17.84 -34.23 2.23
C ASP A 309 16.78 -33.65 3.15
N LEU A 310 17.05 -32.53 3.82
CA LEU A 310 16.09 -31.95 4.75
C LEU A 310 14.96 -31.20 4.04
N ASN A 311 15.16 -30.83 2.77
CA ASN A 311 14.09 -30.17 2.03
C ASN A 311 12.98 -31.16 1.74
N LYS A 312 11.80 -30.88 2.29
CA LYS A 312 10.67 -31.80 2.18
C LYS A 312 9.90 -31.60 0.88
N ARG A 313 9.40 -30.38 0.65
CA ARG A 313 8.64 -30.07 -0.55
C ARG A 313 9.59 -29.73 -1.69
N LYS A 314 10.31 -30.75 -2.15
CA LYS A 314 11.29 -30.54 -3.22
C LYS A 314 10.62 -30.57 -4.59
N ASP A 315 9.56 -29.80 -4.74
CA ASP A 315 8.92 -29.58 -6.03
C ASP A 315 8.74 -28.10 -6.32
N THR A 316 8.44 -27.29 -5.32
CA THR A 316 8.29 -25.85 -5.48
C THR A 316 9.48 -25.08 -4.93
N LYS A 317 10.51 -25.75 -4.46
CA LYS A 317 11.68 -25.10 -3.87
C LYS A 317 12.94 -25.76 -4.40
N GLU A 318 13.99 -24.96 -4.55
CA GLU A 318 15.27 -25.43 -5.05
C GLU A 318 16.38 -25.07 -4.07
N ILE A 319 17.47 -25.82 -4.16
CA ILE A 319 18.68 -25.58 -3.37
C ILE A 319 19.84 -25.44 -4.34
N TYR A 320 20.61 -24.37 -4.19
CA TYR A 320 21.82 -24.14 -4.98
C TYR A 320 23.01 -24.26 -4.04
N THR A 321 23.85 -25.28 -4.27
CA THR A 321 24.95 -25.60 -3.39
C THR A 321 26.28 -25.20 -4.01
N HIS A 322 27.15 -24.60 -3.21
CA HIS A 322 28.45 -24.14 -3.68
C HIS A 322 29.47 -24.33 -2.57
N PHE A 323 30.64 -24.85 -2.93
CA PHE A 323 31.76 -24.95 -2.00
C PHE A 323 32.59 -23.68 -2.13
N THR A 324 32.65 -22.90 -1.06
CA THR A 324 33.19 -21.55 -1.13
C THR A 324 34.71 -21.57 -1.28
N CYS A 325 35.20 -20.79 -2.24
CA CYS A 325 36.61 -20.72 -2.57
C CYS A 325 37.20 -19.39 -2.09
N ALA A 326 38.54 -19.34 -2.03
CA ALA A 326 39.22 -18.14 -1.55
C ALA A 326 38.99 -16.96 -2.48
N THR A 327 38.97 -17.19 -3.78
CA THR A 327 38.83 -16.11 -4.74
C THR A 327 37.50 -15.38 -4.55
N ASP A 328 37.53 -14.06 -4.70
CA ASP A 328 36.38 -13.21 -4.43
C ASP A 328 35.49 -12.98 -5.64
N THR A 329 35.82 -13.58 -6.79
CA THR A 329 35.04 -13.37 -8.00
C THR A 329 34.18 -14.56 -8.39
N LYS A 330 34.45 -15.74 -7.82
CA LYS A 330 33.66 -16.93 -8.16
C LYS A 330 32.43 -17.09 -7.28
N ASN A 331 32.22 -16.21 -6.30
CA ASN A 331 31.06 -16.28 -5.42
C ASN A 331 29.94 -15.37 -5.87
N VAL A 332 30.28 -14.12 -6.19
CA VAL A 332 29.28 -13.19 -6.71
C VAL A 332 28.73 -13.68 -8.04
N GLN A 333 29.57 -14.34 -8.84
CA GLN A 333 29.09 -14.92 -10.09
C GLN A 333 28.06 -16.02 -9.84
N PHE A 334 28.31 -16.88 -8.85
CA PHE A 334 27.35 -17.93 -8.51
C PHE A 334 26.03 -17.34 -8.02
N VAL A 335 26.11 -16.31 -7.16
CA VAL A 335 24.89 -15.65 -6.69
C VAL A 335 24.14 -15.02 -7.87
N PHE A 336 24.87 -14.41 -8.80
CA PHE A 336 24.26 -13.81 -9.97
C PHE A 336 23.53 -14.84 -10.80
N ASP A 337 24.17 -16.00 -11.05
CA ASP A 337 23.53 -17.04 -11.84
C ASP A 337 22.28 -17.58 -11.15
N ALA A 338 22.36 -17.84 -9.85
CA ALA A 338 21.20 -18.36 -9.13
C ALA A 338 20.05 -17.36 -9.14
N VAL A 339 20.34 -16.08 -8.93
CA VAL A 339 19.28 -15.07 -8.90
C VAL A 339 18.66 -14.91 -10.28
N THR A 340 19.46 -14.97 -11.33
CA THR A 340 18.92 -14.90 -12.69
C THR A 340 17.98 -16.07 -12.96
N ASP A 341 18.38 -17.28 -12.56
CA ASP A 341 17.52 -18.44 -12.73
C ASP A 341 16.20 -18.26 -11.97
N VAL A 342 16.28 -17.76 -10.74
CA VAL A 342 15.07 -17.57 -9.94
C VAL A 342 14.13 -16.57 -10.61
N ILE A 343 14.69 -15.45 -11.10
CA ILE A 343 13.85 -14.43 -11.74
C ILE A 343 13.18 -14.98 -13.00
N ILE A 344 13.94 -15.72 -13.81
CA ILE A 344 13.36 -16.26 -15.05
C ILE A 344 12.23 -17.22 -14.72
N LYS A 345 12.43 -18.10 -13.74
CA LYS A 345 11.36 -19.03 -13.37
C LYS A 345 10.15 -18.31 -12.78
N ASN A 346 10.36 -17.24 -12.01
CA ASN A 346 9.23 -16.47 -11.52
C ASN A 346 8.43 -15.86 -12.66
N ASN A 347 9.12 -15.30 -13.67
CA ASN A 347 8.40 -14.72 -14.81
C ASN A 347 7.64 -15.77 -15.58
N LEU A 348 8.24 -16.94 -15.80
CA LEU A 348 7.54 -18.01 -16.51
C LEU A 348 6.31 -18.47 -15.73
N LYS A 349 6.43 -18.60 -14.41
CA LYS A 349 5.26 -18.96 -13.60
C LYS A 349 4.18 -17.90 -13.69
N ASP A 350 4.57 -16.62 -13.73
CA ASP A 350 3.58 -15.55 -13.84
C ASP A 350 2.86 -15.60 -15.18
N CYS A 351 3.58 -15.90 -16.26
CA CYS A 351 2.97 -15.93 -17.59
C CYS A 351 2.15 -17.19 -17.84
N GLY A 352 2.15 -18.15 -16.93
CA GLY A 352 1.42 -19.38 -17.13
C GLY A 352 2.16 -20.45 -17.91
N LEU A 353 3.42 -20.23 -18.24
CA LEU A 353 4.22 -21.20 -18.98
C LEU A 353 4.99 -22.16 -18.08
N PHE A 354 4.84 -22.05 -16.76
CA PHE A 354 5.60 -22.87 -15.84
C PHE A 354 4.79 -23.20 -14.58
N SER B 13 20.30 -25.15 52.61
CA SER B 13 20.53 -24.27 51.47
C SER B 13 19.67 -23.02 51.56
N GLU B 14 20.04 -22.00 50.80
CA GLU B 14 19.29 -20.75 50.76
C GLU B 14 18.45 -20.58 49.50
N LEU B 15 18.86 -21.17 48.38
CA LEU B 15 18.06 -21.11 47.17
C LEU B 15 16.72 -21.81 47.36
N ASP B 16 16.74 -22.99 47.99
CA ASP B 16 15.51 -23.71 48.24
C ASP B 16 14.60 -22.93 49.19
N GLN B 17 15.19 -22.28 50.20
CA GLN B 17 14.40 -21.47 51.13
C GLN B 17 13.70 -20.33 50.39
N LEU B 18 14.42 -19.64 49.51
CA LEU B 18 13.83 -18.53 48.78
C LEU B 18 12.76 -19.01 47.81
N ARG B 19 13.00 -20.15 47.14
CA ARG B 19 11.98 -20.70 46.24
C ARG B 19 10.72 -21.07 47.01
N GLN B 20 10.88 -21.70 48.19
CA GLN B 20 9.72 -22.05 48.99
C GLN B 20 8.98 -20.81 49.47
N GLU B 21 9.72 -19.75 49.85
CA GLU B 21 9.09 -18.51 50.26
C GLU B 21 8.29 -17.89 49.12
N ALA B 22 8.86 -17.92 47.90
CA ALA B 22 8.14 -17.40 46.74
C ALA B 22 6.87 -18.21 46.48
N GLU B 23 6.96 -19.54 46.60
CA GLU B 23 5.76 -20.37 46.41
C GLU B 23 4.71 -20.06 47.46
N GLN B 24 5.12 -19.87 48.72
CA GLN B 24 4.18 -19.56 49.78
C GLN B 24 3.51 -18.22 49.53
N LEU B 25 4.27 -17.22 49.08
CA LEU B 25 3.69 -15.92 48.77
C LEU B 25 2.69 -16.04 47.62
N LYS B 26 3.02 -16.85 46.60
CA LYS B 26 2.09 -17.07 45.51
C LYS B 26 0.80 -17.72 45.99
N ASN B 27 0.91 -18.70 46.88
CA ASN B 27 -0.28 -19.35 47.43
C ASN B 27 -1.12 -18.37 48.23
N GLN B 28 -0.48 -17.51 49.03
CA GLN B 28 -1.21 -16.51 49.80
C GLN B 28 -1.95 -15.54 48.87
N ILE B 29 -1.29 -15.12 47.79
CA ILE B 29 -1.95 -14.21 46.85
C ILE B 29 -3.13 -14.91 46.18
N ARG B 30 -2.97 -16.18 45.81
CA ARG B 30 -4.07 -16.90 45.20
C ARG B 30 -5.27 -17.02 46.14
N ASP B 31 -5.00 -17.32 47.42
CA ASP B 31 -6.09 -17.42 48.39
C ASP B 31 -6.76 -16.06 48.62
N ALA B 32 -5.96 -14.99 48.68
CA ALA B 32 -6.54 -13.66 48.87
C ALA B 32 -7.44 -13.28 47.68
N ARG B 33 -7.01 -13.61 46.46
CA ARG B 33 -7.84 -13.34 45.31
C ARG B 33 -9.11 -14.19 45.32
N LYS B 34 -8.98 -15.47 45.68
CA LYS B 34 -10.15 -16.35 45.69
C LYS B 34 -11.15 -15.96 46.77
N ALA B 35 -10.69 -15.28 47.82
CA ALA B 35 -11.60 -14.87 48.88
C ALA B 35 -12.65 -13.89 48.37
N CYS B 36 -12.25 -12.97 47.49
CA CYS B 36 -13.12 -11.87 47.06
C CYS B 36 -13.95 -12.21 45.83
N ALA B 37 -13.87 -13.43 45.31
CA ALA B 37 -14.65 -13.83 44.14
C ALA B 37 -15.97 -14.43 44.61
N ASP B 38 -16.94 -13.56 44.88
CA ASP B 38 -18.24 -14.01 45.37
C ASP B 38 -19.19 -14.39 44.24
N ALA B 39 -19.32 -13.53 43.23
CA ALA B 39 -20.18 -13.79 42.09
C ALA B 39 -19.46 -13.37 40.81
N THR B 40 -19.85 -13.99 39.70
CA THR B 40 -19.25 -13.68 38.40
C THR B 40 -20.01 -12.54 37.73
N LEU B 41 -19.32 -11.88 36.80
CA LEU B 41 -19.91 -10.74 36.09
C LEU B 41 -21.09 -11.17 35.23
N SER B 42 -21.06 -12.41 34.71
CA SER B 42 -22.20 -12.90 33.93
C SER B 42 -23.47 -12.96 34.78
N GLN B 43 -23.35 -13.43 36.01
CA GLN B 43 -24.51 -13.47 36.90
C GLN B 43 -25.02 -12.06 37.20
N ILE B 44 -24.12 -11.11 37.41
CA ILE B 44 -24.53 -9.75 37.72
C ILE B 44 -25.21 -9.10 36.52
N THR B 45 -24.75 -9.41 35.31
CA THR B 45 -25.25 -8.75 34.09
C THR B 45 -26.30 -9.58 33.36
N ASN B 46 -26.74 -10.68 33.94
CA ASN B 46 -27.82 -11.45 33.33
C ASN B 46 -29.16 -10.72 33.35
N ASN B 47 -29.22 -9.48 33.85
CA ASN B 47 -30.47 -8.73 33.89
C ASN B 47 -30.38 -7.39 33.16
N ILE B 48 -29.61 -7.31 32.08
CA ILE B 48 -29.59 -6.14 31.22
C ILE B 48 -29.86 -6.58 29.79
N ASP B 49 -30.50 -5.72 29.01
CA ASP B 49 -30.91 -6.09 27.67
C ASP B 49 -29.69 -6.28 26.77
N PRO B 50 -29.78 -7.19 25.79
CA PRO B 50 -28.67 -7.34 24.84
C PRO B 50 -28.50 -6.10 23.98
N VAL B 51 -27.26 -5.90 23.52
CA VAL B 51 -26.96 -4.76 22.65
C VAL B 51 -27.71 -4.88 21.33
N GLY B 52 -28.08 -6.09 20.93
CA GLY B 52 -28.76 -6.30 19.67
C GLY B 52 -27.82 -6.81 18.60
N ARG B 53 -28.03 -6.37 17.36
CA ARG B 53 -27.14 -6.69 16.25
C ARG B 53 -26.49 -5.41 15.77
N ILE B 54 -25.17 -5.42 15.67
CA ILE B 54 -24.40 -4.25 15.26
C ILE B 54 -24.07 -4.38 13.78
N GLN B 55 -24.36 -3.33 13.02
CA GLN B 55 -24.07 -3.29 11.59
C GLN B 55 -23.28 -2.03 11.28
N MET B 56 -22.16 -2.20 10.60
CA MET B 56 -21.32 -1.08 10.19
C MET B 56 -21.00 -1.21 8.71
N ARG B 57 -20.67 -0.08 8.10
CA ARG B 57 -20.37 -0.01 6.68
C ARG B 57 -19.10 0.79 6.45
N THR B 58 -18.43 0.47 5.35
CA THR B 58 -17.20 1.15 4.96
C THR B 58 -17.53 2.48 4.30
N ARG B 59 -16.99 3.56 4.86
CA ARG B 59 -17.18 4.90 4.33
C ARG B 59 -16.02 5.36 3.46
N ARG B 60 -14.79 5.02 3.81
CA ARG B 60 -13.61 5.46 3.08
C ARG B 60 -12.66 4.29 2.87
N THR B 61 -11.82 4.42 1.85
CA THR B 61 -10.73 3.49 1.59
C THR B 61 -9.49 4.28 1.24
N LEU B 62 -8.44 4.15 2.03
CA LEU B 62 -7.20 4.90 1.83
C LEU B 62 -6.18 4.00 1.14
N ARG B 63 -5.75 4.41 -0.04
CA ARG B 63 -4.81 3.62 -0.84
C ARG B 63 -3.61 4.47 -1.21
N GLY B 64 -2.47 3.81 -1.40
CA GLY B 64 -1.23 4.50 -1.66
C GLY B 64 -0.02 3.81 -1.08
N HIS B 65 -0.22 2.94 -0.10
CA HIS B 65 0.86 2.10 0.42
C HIS B 65 1.09 0.94 -0.51
N LEU B 66 2.36 0.54 -0.67
CA LEU B 66 2.74 -0.51 -1.61
C LEU B 66 3.19 -1.79 -0.93
N ALA B 67 3.02 -1.91 0.38
CA ALA B 67 3.42 -3.10 1.10
C ALA B 67 2.51 -3.26 2.32
N LYS B 68 2.88 -4.16 3.22
CA LYS B 68 2.09 -4.40 4.42
C LYS B 68 2.06 -3.17 5.32
N ILE B 69 0.90 -2.87 5.86
CA ILE B 69 0.74 -1.80 6.84
C ILE B 69 0.89 -2.42 8.22
N TYR B 70 1.72 -1.80 9.07
CA TYR B 70 1.98 -2.40 10.37
C TYR B 70 1.37 -1.65 11.54
N ALA B 71 1.10 -0.36 11.41
CA ALA B 71 0.57 0.40 12.53
C ALA B 71 -0.22 1.59 12.02
N MET B 72 -1.11 2.10 12.89
CA MET B 72 -1.85 3.33 12.65
C MET B 72 -2.17 3.97 13.98
N HIS B 73 -2.43 5.28 13.95
CA HIS B 73 -2.79 6.01 15.16
C HIS B 73 -3.59 7.25 14.78
N TRP B 74 -4.67 7.49 15.51
CA TRP B 74 -5.52 8.66 15.27
C TRP B 74 -4.93 9.90 15.93
N GLY B 75 -5.22 11.06 15.34
CA GLY B 75 -4.97 12.31 16.01
C GLY B 75 -6.08 12.68 16.97
N THR B 76 -5.77 13.59 17.89
CA THR B 76 -6.73 13.94 18.94
C THR B 76 -7.90 14.76 18.41
N ASP B 77 -7.81 15.32 17.21
CA ASP B 77 -8.92 16.05 16.61
C ASP B 77 -9.89 15.16 15.86
N SER B 78 -9.64 13.85 15.81
CA SER B 78 -10.50 12.87 15.18
C SER B 78 -10.64 13.06 13.67
N ARG B 79 -9.70 13.73 13.04
CA ARG B 79 -9.74 13.89 11.59
C ARG B 79 -8.47 13.42 10.88
N LEU B 80 -7.30 13.68 11.46
CA LEU B 80 -6.03 13.27 10.86
C LEU B 80 -5.55 11.97 11.47
N LEU B 81 -4.84 11.18 10.66
CA LEU B 81 -4.25 9.96 11.19
C LEU B 81 -2.92 9.68 10.49
N VAL B 82 -2.10 8.86 11.12
CA VAL B 82 -0.78 8.49 10.59
C VAL B 82 -0.73 6.98 10.43
N SER B 83 -0.10 6.52 9.36
CA SER B 83 0.06 5.09 9.11
C SER B 83 1.48 4.80 8.65
N ALA B 84 1.96 3.60 9.00
CA ALA B 84 3.33 3.17 8.74
C ALA B 84 3.34 1.89 7.92
N SER B 85 4.15 1.87 6.86
CA SER B 85 4.26 0.69 6.05
C SER B 85 5.71 0.28 5.92
N GLN B 86 5.93 -0.97 5.51
CA GLN B 86 7.26 -1.51 5.33
C GLN B 86 7.83 -1.25 3.95
N ASP B 87 7.18 -0.40 3.16
CA ASP B 87 7.80 0.18 1.98
C ASP B 87 8.70 1.36 2.31
N GLY B 88 8.83 1.70 3.59
CA GLY B 88 9.65 2.80 4.01
C GLY B 88 8.94 4.13 4.09
N LYS B 89 7.63 4.14 4.35
CA LYS B 89 6.86 5.36 4.32
C LYS B 89 5.97 5.51 5.54
N LEU B 90 5.93 6.74 6.06
CA LEU B 90 4.87 7.21 6.94
C LEU B 90 3.96 8.12 6.13
N ILE B 91 2.65 7.94 6.25
CA ILE B 91 1.70 8.78 5.54
C ILE B 91 0.73 9.39 6.53
N ILE B 92 0.47 10.69 6.38
CA ILE B 92 -0.52 11.39 7.18
C ILE B 92 -1.74 11.65 6.31
N TRP B 93 -2.89 11.14 6.73
CA TRP B 93 -4.13 11.22 5.98
C TRP B 93 -5.11 12.18 6.64
N ASP B 94 -5.82 12.93 5.81
CA ASP B 94 -7.03 13.65 6.18
C ASP B 94 -8.21 12.75 5.83
N SER B 95 -8.89 12.22 6.84
CA SER B 95 -9.86 11.17 6.59
C SER B 95 -11.15 11.68 5.96
N TYR B 96 -11.49 12.96 6.19
CA TYR B 96 -12.74 13.49 5.64
C TYR B 96 -12.70 13.53 4.12
N THR B 97 -11.56 13.95 3.55
CA THR B 97 -11.45 14.16 2.13
C THR B 97 -10.54 13.17 1.41
N THR B 98 -9.86 12.29 2.14
CA THR B 98 -8.98 11.23 1.64
C THR B 98 -7.64 11.83 1.19
N ASN B 99 -7.48 13.15 1.24
CA ASN B 99 -6.24 13.78 0.80
C ASN B 99 -5.07 13.36 1.67
N LYS B 100 -3.88 13.30 1.06
CA LYS B 100 -2.64 13.05 1.77
C LYS B 100 -2.02 14.39 2.15
N VAL B 101 -1.70 14.57 3.42
CA VAL B 101 -1.10 15.81 3.89
C VAL B 101 0.43 15.75 3.80
N HIS B 102 1.02 14.70 4.37
CA HIS B 102 2.47 14.52 4.36
C HIS B 102 2.82 13.08 4.04
N ALA B 103 3.94 12.91 3.33
CA ALA B 103 4.57 11.60 3.15
C ALA B 103 6.02 11.72 3.60
N ILE B 104 6.44 10.84 4.50
CA ILE B 104 7.74 10.91 5.15
C ILE B 104 8.52 9.65 4.80
N PRO B 105 9.69 9.77 4.17
CA PRO B 105 10.53 8.59 3.93
C PRO B 105 11.43 8.30 5.13
N LEU B 106 11.56 7.01 5.43
CA LEU B 106 12.29 6.57 6.62
C LEU B 106 13.65 6.02 6.22
N ARG B 107 14.62 6.20 7.13
CA ARG B 107 15.97 5.68 6.89
C ARG B 107 15.98 4.15 6.90
N SER B 108 15.23 3.55 7.82
CA SER B 108 15.09 2.09 7.88
C SER B 108 13.66 1.71 7.55
N SER B 109 13.49 0.71 6.70
CA SER B 109 12.19 0.33 6.18
C SER B 109 11.51 -0.76 6.99
N TRP B 110 12.08 -1.16 8.13
CA TRP B 110 11.57 -2.25 8.94
C TRP B 110 10.76 -1.74 10.13
N VAL B 111 9.98 -0.68 9.91
CA VAL B 111 9.16 -0.10 10.96
C VAL B 111 8.11 -1.09 11.44
N MET B 112 7.74 -1.00 12.72
CA MET B 112 6.70 -1.83 13.30
C MET B 112 5.73 -1.08 14.21
N THR B 113 5.92 0.22 14.42
CA THR B 113 5.03 1.00 15.29
C THR B 113 5.12 2.47 14.91
N CYS B 114 4.08 3.22 15.28
CA CYS B 114 4.04 4.66 15.05
C CYS B 114 3.08 5.29 16.06
N ALA B 115 3.30 6.58 16.32
CA ALA B 115 2.50 7.30 17.31
C ALA B 115 2.30 8.74 16.87
N TYR B 116 1.23 9.34 17.38
CA TYR B 116 0.85 10.72 17.10
C TYR B 116 0.83 11.52 18.39
N ALA B 117 1.50 12.66 18.40
CA ALA B 117 1.55 13.49 19.60
C ALA B 117 0.18 14.12 19.86
N PRO B 118 -0.26 14.16 21.12
CA PRO B 118 -1.57 14.77 21.40
C PRO B 118 -1.67 16.24 21.03
N SER B 119 -0.56 16.96 20.99
CA SER B 119 -0.58 18.34 20.53
C SER B 119 -0.72 18.43 19.01
N GLY B 120 -0.29 17.40 18.29
CA GLY B 120 -0.33 17.41 16.85
C GLY B 120 0.92 17.90 16.17
N ASN B 121 2.01 18.10 16.91
CA ASN B 121 3.23 18.70 16.37
C ASN B 121 4.31 17.70 16.02
N TYR B 122 4.24 16.48 16.53
CA TYR B 122 5.32 15.51 16.35
C TYR B 122 4.75 14.16 16.00
N VAL B 123 5.59 13.34 15.35
CA VAL B 123 5.28 11.94 15.11
C VAL B 123 6.48 11.10 15.54
N ALA B 124 6.24 9.82 15.79
CA ALA B 124 7.29 8.91 16.22
C ALA B 124 7.17 7.59 15.47
N CYS B 125 8.30 6.91 15.32
CA CYS B 125 8.29 5.59 14.68
C CYS B 125 9.52 4.80 15.12
N GLY B 126 9.50 3.50 14.85
CA GLY B 126 10.62 2.65 15.19
C GLY B 126 10.37 1.23 14.72
N GLY B 127 11.39 0.39 14.87
CA GLY B 127 11.28 -0.99 14.42
C GLY B 127 12.50 -1.86 14.68
N LEU B 128 12.90 -2.63 13.67
CA LEU B 128 14.00 -3.59 13.81
C LEU B 128 15.37 -2.94 13.92
N ASP B 129 15.45 -1.61 13.92
CA ASP B 129 16.72 -0.91 14.11
C ASP B 129 16.96 -0.51 15.57
N ASN B 130 16.04 -0.82 16.47
CA ASN B 130 16.17 -0.55 17.90
C ASN B 130 16.28 0.93 18.21
N ILE B 131 15.65 1.78 17.40
CA ILE B 131 15.73 3.23 17.57
C ILE B 131 14.33 3.82 17.43
N CYS B 132 14.03 4.82 18.27
CA CYS B 132 12.78 5.58 18.16
C CYS B 132 13.09 6.94 17.56
N SER B 133 12.55 7.21 16.38
CA SER B 133 12.79 8.46 15.68
C SER B 133 11.60 9.40 15.82
N ILE B 134 11.89 10.67 16.11
CA ILE B 134 10.89 11.71 16.29
C ILE B 134 10.97 12.66 15.11
N TYR B 135 9.81 13.02 14.56
CA TYR B 135 9.71 13.89 13.40
C TYR B 135 8.90 15.13 13.75
N ASN B 136 9.42 16.29 13.37
CA ASN B 136 8.78 17.58 13.61
C ASN B 136 7.94 17.99 12.40
N LEU B 137 6.69 18.36 12.64
CA LEU B 137 5.76 18.65 11.56
C LEU B 137 5.56 20.14 11.29
N LYS B 138 5.97 21.01 12.21
CA LYS B 138 5.72 22.45 12.10
C LYS B 138 7.06 23.19 12.04
N THR B 139 7.58 23.37 10.83
CA THR B 139 8.87 24.03 10.62
C THR B 139 8.68 25.26 9.75
N ARG B 140 9.64 26.19 9.85
CA ARG B 140 9.60 27.40 9.04
C ARG B 140 9.73 27.07 7.55
N GLU B 141 10.56 26.09 7.22
CA GLU B 141 10.57 25.54 5.88
C GLU B 141 9.36 24.63 5.68
N GLY B 142 9.14 24.22 4.45
CA GLY B 142 7.94 23.46 4.13
C GLY B 142 8.10 21.96 4.19
N ASN B 143 9.14 21.48 4.87
CA ASN B 143 9.45 20.06 4.91
C ASN B 143 9.41 19.54 6.34
N VAL B 144 9.27 18.23 6.46
CA VAL B 144 9.30 17.53 7.74
C VAL B 144 10.71 17.00 7.96
N ARG B 145 11.25 17.22 9.16
CA ARG B 145 12.61 16.84 9.47
C ARG B 145 12.66 16.05 10.77
N VAL B 146 13.68 15.20 10.88
CA VAL B 146 13.90 14.42 12.09
C VAL B 146 14.36 15.34 13.21
N SER B 147 13.77 15.17 14.39
CA SER B 147 14.12 15.96 15.56
C SER B 147 15.10 15.24 16.47
N ARG B 148 14.85 13.98 16.79
CA ARG B 148 15.73 13.23 17.66
C ARG B 148 15.66 11.75 17.30
N GLU B 149 16.73 11.04 17.66
CA GLU B 149 16.81 9.59 17.52
C GLU B 149 17.18 9.01 18.87
N LEU B 150 16.21 8.42 19.55
CA LEU B 150 16.42 7.82 20.86
C LEU B 150 16.94 6.41 20.70
N ALA B 151 18.14 6.17 21.21
CA ALA B 151 18.82 4.88 21.13
C ALA B 151 19.22 4.43 22.53
N GLY B 152 19.30 3.11 22.70
CA GLY B 152 19.60 2.56 24.00
C GLY B 152 18.92 1.23 24.29
N HIS B 153 18.01 0.81 23.42
CA HIS B 153 17.40 -0.51 23.51
C HIS B 153 18.27 -1.51 22.75
N THR B 154 18.27 -2.75 23.23
CA THR B 154 19.05 -3.82 22.59
C THR B 154 18.16 -4.83 21.87
N GLY B 155 16.91 -4.48 21.60
CA GLY B 155 16.02 -5.31 20.83
C GLY B 155 15.06 -4.43 20.07
N TYR B 156 14.27 -5.04 19.21
CA TYR B 156 13.36 -4.26 18.36
C TYR B 156 12.34 -3.51 19.20
N LEU B 157 11.98 -2.32 18.76
CA LEU B 157 10.97 -1.52 19.43
C LEU B 157 9.59 -1.93 18.93
N SER B 158 8.68 -2.25 19.86
CA SER B 158 7.38 -2.77 19.48
C SER B 158 6.22 -1.79 19.71
N CYS B 159 6.39 -0.78 20.55
CA CYS B 159 5.34 0.18 20.80
C CYS B 159 5.95 1.46 21.34
N CYS B 160 5.24 2.57 21.16
CA CYS B 160 5.65 3.86 21.69
C CYS B 160 4.41 4.74 21.81
N ARG B 161 4.34 5.52 22.89
CA ARG B 161 3.20 6.40 23.13
C ARG B 161 3.68 7.70 23.74
N PHE B 162 3.16 8.81 23.23
CA PHE B 162 3.52 10.13 23.73
C PHE B 162 2.77 10.44 25.03
N LEU B 163 3.47 11.08 25.96
CA LEU B 163 2.84 11.64 27.15
C LEU B 163 2.58 13.13 26.99
N ASP B 164 3.59 13.87 26.55
CA ASP B 164 3.45 15.27 26.16
C ASP B 164 4.48 15.52 25.05
N ASP B 165 4.77 16.79 24.79
CA ASP B 165 5.71 17.12 23.73
C ASP B 165 7.15 16.75 24.06
N ASN B 166 7.44 16.36 25.30
CA ASN B 166 8.81 16.12 25.72
C ASN B 166 9.00 14.78 26.44
N GLN B 167 8.01 13.90 26.42
CA GLN B 167 8.10 12.63 27.13
C GLN B 167 7.46 11.53 26.30
N ILE B 168 8.10 10.37 26.27
CA ILE B 168 7.61 9.22 25.50
C ILE B 168 8.06 7.95 26.20
N VAL B 169 7.20 6.93 26.15
CA VAL B 169 7.46 5.63 26.77
C VAL B 169 7.42 4.57 25.68
N THR B 170 8.41 3.69 25.67
CA THR B 170 8.58 2.67 24.65
C THR B 170 8.73 1.29 25.29
N SER B 171 8.40 0.26 24.51
CA SER B 171 8.59 -1.13 24.91
C SER B 171 9.46 -1.81 23.87
N SER B 172 10.37 -2.68 24.33
CA SER B 172 11.33 -3.30 23.43
C SER B 172 11.26 -4.81 23.52
N GLY B 173 11.92 -5.45 22.55
CA GLY B 173 12.05 -6.90 22.51
C GLY B 173 13.11 -7.46 23.42
N ASP B 174 13.86 -6.61 24.11
CA ASP B 174 14.79 -7.04 25.14
C ASP B 174 14.14 -7.16 26.52
N THR B 175 12.82 -7.33 26.57
CA THR B 175 12.07 -7.55 27.81
C THR B 175 12.13 -6.34 28.73
N THR B 176 11.97 -5.14 28.19
CA THR B 176 12.13 -3.93 28.98
C THR B 176 11.22 -2.84 28.42
N CYS B 177 10.86 -1.90 29.29
CA CYS B 177 10.20 -0.66 28.90
C CYS B 177 11.03 0.51 29.38
N ALA B 178 10.88 1.66 28.72
CA ALA B 178 11.68 2.82 29.07
C ALA B 178 10.88 4.10 28.91
N LEU B 179 11.15 5.07 29.77
CA LEU B 179 10.60 6.41 29.69
C LEU B 179 11.73 7.39 29.43
N TRP B 180 11.62 8.17 28.36
CA TRP B 180 12.69 8.99 27.84
C TRP B 180 12.46 10.47 28.11
N ASP B 181 13.48 11.25 27.79
CA ASP B 181 13.42 12.71 27.79
C ASP B 181 13.86 13.17 26.40
N ILE B 182 12.93 13.75 25.63
CA ILE B 182 13.21 14.01 24.23
C ILE B 182 14.24 15.12 24.07
N GLU B 183 14.19 16.14 24.92
CA GLU B 183 15.10 17.27 24.77
C GLU B 183 16.56 16.85 24.92
N THR B 184 16.85 15.99 25.89
CA THR B 184 18.21 15.53 26.12
C THR B 184 18.52 14.21 25.43
N GLY B 185 17.52 13.41 25.10
CA GLY B 185 17.76 12.11 24.49
C GLY B 185 18.17 11.02 25.45
N GLN B 186 17.97 11.22 26.74
CA GLN B 186 18.43 10.30 27.77
C GLN B 186 17.26 9.51 28.34
N GLN B 187 17.53 8.26 28.69
CA GLN B 187 16.53 7.45 29.37
C GLN B 187 16.34 7.94 30.80
N THR B 188 15.13 8.38 31.11
CA THR B 188 14.84 8.84 32.46
C THR B 188 14.48 7.71 33.40
N THR B 189 13.69 6.73 32.96
CA THR B 189 13.35 5.62 33.83
C THR B 189 13.33 4.32 33.02
N THR B 190 13.61 3.22 33.71
CA THR B 190 13.63 1.90 33.11
C THR B 190 12.72 0.96 33.90
N PHE B 191 11.93 0.16 33.19
CA PHE B 191 10.98 -0.76 33.79
C PHE B 191 11.34 -2.18 33.38
N THR B 192 11.78 -2.99 34.35
CA THR B 192 12.20 -4.36 34.13
C THR B 192 11.41 -5.28 35.05
N GLY B 193 11.31 -6.54 34.64
CA GLY B 193 10.55 -7.52 35.39
C GLY B 193 9.87 -8.58 34.54
N HIS B 194 9.68 -8.28 33.25
CA HIS B 194 9.16 -9.26 32.32
C HIS B 194 10.25 -10.28 31.97
N THR B 195 9.81 -11.50 31.62
CA THR B 195 10.72 -12.56 31.23
C THR B 195 10.59 -12.92 29.75
N GLY B 196 9.84 -12.13 28.98
CA GLY B 196 9.70 -12.35 27.56
C GLY B 196 9.59 -11.02 26.85
N ASP B 197 9.52 -11.07 25.52
CA ASP B 197 9.41 -9.85 24.73
C ASP B 197 8.14 -9.10 25.08
N VAL B 198 8.28 -7.80 25.30
CA VAL B 198 7.13 -6.93 25.55
C VAL B 198 6.54 -6.52 24.20
N MET B 199 5.25 -6.79 24.00
CA MET B 199 4.68 -6.61 22.68
C MET B 199 3.76 -5.41 22.55
N SER B 200 3.31 -4.82 23.66
CA SER B 200 2.37 -3.72 23.59
C SER B 200 2.37 -2.97 24.91
N LEU B 201 1.84 -1.75 24.87
CA LEU B 201 1.61 -0.98 26.09
C LEU B 201 0.41 -0.07 25.87
N SER B 202 -0.18 0.37 26.98
CA SER B 202 -1.35 1.25 26.96
C SER B 202 -1.24 2.25 28.11
N LEU B 203 -1.56 3.50 27.82
CA LEU B 203 -1.51 4.57 28.80
C LEU B 203 -2.89 4.82 29.40
N ALA B 204 -2.92 5.05 30.71
CA ALA B 204 -4.17 5.44 31.35
C ALA B 204 -4.55 6.86 30.95
N PRO B 205 -5.84 7.18 30.98
CA PRO B 205 -6.25 8.54 30.57
C PRO B 205 -5.60 9.66 31.37
N ASP B 206 -5.24 9.43 32.63
CA ASP B 206 -4.54 10.45 33.41
C ASP B 206 -3.02 10.42 33.21
N THR B 207 -2.50 9.43 32.49
CA THR B 207 -1.06 9.29 32.22
C THR B 207 -0.24 9.24 33.50
N ARG B 208 -0.74 8.53 34.50
CA ARG B 208 0.02 8.27 35.71
C ARG B 208 0.38 6.80 35.91
N LEU B 209 -0.27 5.90 35.17
CA LEU B 209 0.06 4.48 35.18
C LEU B 209 0.01 3.97 33.75
N PHE B 210 0.66 2.85 33.51
CA PHE B 210 0.50 2.20 32.21
C PHE B 210 0.64 0.69 32.36
N VAL B 211 0.05 -0.04 31.43
CA VAL B 211 -0.04 -1.50 31.50
C VAL B 211 0.64 -2.08 30.26
N SER B 212 1.35 -3.19 30.46
CA SER B 212 2.10 -3.83 29.38
C SER B 212 1.85 -5.33 29.36
N GLY B 213 2.00 -5.93 28.19
CA GLY B 213 1.85 -7.36 28.03
C GLY B 213 3.03 -7.95 27.29
N ALA B 214 3.45 -9.15 27.73
CA ALA B 214 4.67 -9.73 27.19
C ALA B 214 4.44 -11.14 26.67
N CYS B 215 5.52 -11.73 26.16
CA CYS B 215 5.49 -13.08 25.59
C CYS B 215 5.52 -14.17 26.64
N ASP B 216 5.74 -13.82 27.91
CA ASP B 216 5.63 -14.78 28.99
C ASP B 216 4.19 -14.99 29.43
N ALA B 217 3.23 -14.56 28.61
CA ALA B 217 1.80 -14.74 28.87
C ALA B 217 1.37 -14.03 30.14
N SER B 218 1.84 -12.80 30.35
CA SER B 218 1.45 -12.05 31.52
C SER B 218 1.44 -10.56 31.21
N ALA B 219 0.68 -9.82 32.02
CA ALA B 219 0.59 -8.37 31.94
C ALA B 219 1.00 -7.75 33.27
N LYS B 220 1.45 -6.51 33.21
CA LYS B 220 1.97 -5.83 34.39
C LYS B 220 1.51 -4.38 34.39
N LEU B 221 1.33 -3.84 35.61
CA LEU B 221 0.92 -2.46 35.81
C LEU B 221 2.06 -1.67 36.44
N TRP B 222 2.42 -0.55 35.82
CA TRP B 222 3.57 0.23 36.21
C TRP B 222 3.17 1.65 36.58
N ASP B 223 3.77 2.16 37.66
CA ASP B 223 3.64 3.54 38.08
C ASP B 223 4.72 4.37 37.37
N VAL B 224 4.31 5.37 36.62
CA VAL B 224 5.25 6.13 35.80
C VAL B 224 6.22 6.91 36.67
N ARG B 225 5.71 7.60 37.70
CA ARG B 225 6.54 8.50 38.49
C ARG B 225 7.56 7.73 39.33
N GLU B 226 7.12 6.70 40.03
CA GLU B 226 8.00 5.96 40.93
C GLU B 226 8.77 4.83 40.24
N GLY B 227 8.30 4.38 39.08
CA GLY B 227 9.03 3.40 38.31
C GLY B 227 9.12 2.00 38.90
N MET B 228 8.04 1.51 39.49
CA MET B 228 8.00 0.14 40.00
C MET B 228 6.70 -0.53 39.55
N CYS B 229 6.68 -1.85 39.67
CA CYS B 229 5.53 -2.64 39.27
C CYS B 229 4.61 -2.87 40.47
N ARG B 230 3.34 -2.51 40.31
CA ARG B 230 2.37 -2.70 41.38
C ARG B 230 1.66 -4.04 41.30
N GLN B 231 1.23 -4.46 40.12
CA GLN B 231 0.39 -5.65 39.99
C GLN B 231 0.80 -6.44 38.76
N THR B 232 0.62 -7.75 38.86
CA THR B 232 0.88 -8.69 37.78
C THR B 232 -0.37 -9.54 37.55
N PHE B 233 -0.76 -9.68 36.29
CA PHE B 233 -1.97 -10.39 35.90
C PHE B 233 -1.63 -11.53 34.97
N THR B 234 -2.10 -12.73 35.32
CA THR B 234 -1.85 -13.94 34.54
C THR B 234 -3.19 -14.61 34.23
N GLY B 235 -3.14 -15.62 33.36
CA GLY B 235 -4.34 -16.34 32.99
C GLY B 235 -4.36 -16.80 31.54
N HIS B 236 -3.57 -16.15 30.69
CA HIS B 236 -3.48 -16.56 29.31
C HIS B 236 -2.56 -17.76 29.17
N GLU B 237 -2.65 -18.45 28.04
CA GLU B 237 -1.83 -19.61 27.76
C GLU B 237 -0.71 -19.35 26.78
N SER B 238 -0.73 -18.25 26.05
CA SER B 238 0.28 -17.97 25.04
C SER B 238 0.62 -16.49 25.11
N ASP B 239 1.40 -16.03 24.13
CA ASP B 239 1.88 -14.66 24.10
C ASP B 239 0.73 -13.68 23.96
N ILE B 240 0.87 -12.54 24.62
CA ILE B 240 -0.12 -11.46 24.55
C ILE B 240 0.35 -10.46 23.51
N ASN B 241 -0.50 -10.20 22.52
CA ASN B 241 -0.12 -9.34 21.40
C ASN B 241 -0.70 -7.94 21.49
N ALA B 242 -1.82 -7.76 22.17
CA ALA B 242 -2.52 -6.48 22.23
C ALA B 242 -3.02 -6.23 23.64
N ILE B 243 -3.18 -4.94 23.96
CA ILE B 243 -3.65 -4.52 25.27
C ILE B 243 -4.30 -3.15 25.13
N CYS B 244 -5.40 -2.95 25.87
CA CYS B 244 -6.15 -1.70 25.82
C CYS B 244 -6.68 -1.39 27.20
N PHE B 245 -7.06 -0.13 27.41
CA PHE B 245 -7.45 0.36 28.72
C PHE B 245 -8.92 0.78 28.69
N PHE B 246 -9.66 0.41 29.72
CA PHE B 246 -11.08 0.74 29.78
C PHE B 246 -11.26 2.26 29.92
N PRO B 247 -12.34 2.84 29.38
CA PRO B 247 -12.48 4.30 29.39
C PRO B 247 -12.37 4.96 30.77
N ASN B 248 -12.86 4.33 31.84
CA ASN B 248 -12.77 4.95 33.15
C ASN B 248 -11.44 4.67 33.85
N GLY B 249 -10.56 3.88 33.25
CA GLY B 249 -9.23 3.68 33.80
C GLY B 249 -9.12 2.68 34.92
N ASN B 250 -10.15 1.85 35.13
CA ASN B 250 -10.17 0.90 36.24
C ASN B 250 -10.17 -0.55 35.77
N ALA B 251 -9.99 -0.79 34.48
CA ALA B 251 -9.95 -2.14 33.95
C ALA B 251 -9.22 -2.10 32.61
N PHE B 252 -8.83 -3.28 32.12
CA PHE B 252 -8.16 -3.35 30.83
C PHE B 252 -8.45 -4.70 30.19
N ALA B 253 -8.15 -4.80 28.89
CA ALA B 253 -8.41 -6.01 28.13
C ALA B 253 -7.15 -6.44 27.39
N THR B 254 -6.99 -7.75 27.24
CA THR B 254 -5.82 -8.34 26.59
C THR B 254 -6.25 -9.32 25.51
N GLY B 255 -5.50 -9.33 24.43
CA GLY B 255 -5.68 -10.31 23.36
C GLY B 255 -4.41 -11.12 23.15
N SER B 256 -4.58 -12.41 22.93
CA SER B 256 -3.45 -13.34 22.95
C SER B 256 -3.51 -14.29 21.77
N ASP B 257 -2.47 -15.14 21.69
CA ASP B 257 -2.32 -16.13 20.62
C ASP B 257 -3.19 -17.37 20.81
N ASP B 258 -3.76 -17.56 22.00
CA ASP B 258 -4.64 -18.69 22.23
C ASP B 258 -6.08 -18.43 21.78
N ALA B 259 -6.30 -17.39 20.97
CA ALA B 259 -7.58 -17.12 20.32
C ALA B 259 -8.65 -16.67 21.30
N THR B 260 -8.28 -16.05 22.41
CA THR B 260 -9.24 -15.53 23.38
C THR B 260 -8.85 -14.12 23.79
N CYS B 261 -9.84 -13.34 24.20
CA CYS B 261 -9.62 -12.05 24.84
C CYS B 261 -10.04 -12.16 26.30
N ARG B 262 -9.42 -11.34 27.15
CA ARG B 262 -9.75 -11.39 28.57
C ARG B 262 -9.82 -9.99 29.15
N LEU B 263 -10.65 -9.84 30.18
CA LEU B 263 -10.86 -8.57 30.86
C LEU B 263 -10.40 -8.67 32.31
N PHE B 264 -9.61 -7.70 32.74
CA PHE B 264 -9.04 -7.66 34.08
C PHE B 264 -9.44 -6.38 34.78
N ASP B 265 -9.74 -6.48 36.07
CA ASP B 265 -10.10 -5.35 36.91
C ASP B 265 -8.97 -5.04 37.87
N LEU B 266 -8.60 -3.75 37.98
CA LEU B 266 -7.46 -3.37 38.79
C LEU B 266 -7.74 -3.53 40.28
N ARG B 267 -8.92 -3.09 40.72
CA ARG B 267 -9.22 -3.11 42.15
C ARG B 267 -9.57 -4.52 42.64
N ALA B 268 -10.26 -5.30 41.81
CA ALA B 268 -10.54 -6.68 42.19
C ALA B 268 -9.31 -7.57 42.05
N ASP B 269 -8.37 -7.18 41.19
CA ASP B 269 -7.08 -7.87 41.03
C ASP B 269 -7.24 -9.26 40.45
N GLN B 270 -8.13 -9.42 39.47
CA GLN B 270 -8.35 -10.73 38.86
C GLN B 270 -9.11 -10.55 37.56
N GLU B 271 -9.23 -11.65 36.82
CA GLU B 271 -9.94 -11.66 35.55
C GLU B 271 -11.44 -11.69 35.77
N LEU B 272 -12.17 -10.94 34.96
CA LEU B 272 -13.62 -10.85 35.04
C LEU B 272 -14.35 -11.59 33.95
N MET B 273 -13.86 -11.55 32.71
CA MET B 273 -14.58 -12.18 31.61
C MET B 273 -13.59 -12.68 30.55
N THR B 274 -14.01 -13.74 29.86
CA THR B 274 -13.27 -14.31 28.73
C THR B 274 -14.17 -14.29 27.50
N TYR B 275 -13.61 -13.83 26.39
CA TYR B 275 -14.31 -13.73 25.11
C TYR B 275 -13.67 -14.72 24.15
N SER B 276 -14.39 -15.80 23.85
CA SER B 276 -13.87 -16.86 22.99
C SER B 276 -15.04 -17.56 22.32
N HIS B 277 -14.75 -18.17 21.18
CA HIS B 277 -15.73 -18.94 20.43
C HIS B 277 -15.06 -20.18 19.86
N ASP B 278 -15.86 -21.23 19.66
CA ASP B 278 -15.34 -22.50 19.16
C ASP B 278 -14.91 -22.41 17.70
N ASN B 279 -15.42 -21.44 16.95
CA ASN B 279 -15.07 -21.31 15.54
C ASN B 279 -13.83 -20.46 15.30
N ILE B 280 -13.27 -19.85 16.33
CA ILE B 280 -12.09 -19.01 16.21
C ILE B 280 -10.88 -19.78 16.71
N ILE B 281 -9.90 -20.00 15.83
CA ILE B 281 -8.70 -20.76 16.18
C ILE B 281 -7.45 -20.00 15.76
N CYS B 282 -7.56 -18.69 15.61
CA CYS B 282 -6.45 -17.84 15.22
C CYS B 282 -6.18 -16.80 16.29
N GLY B 283 -4.99 -16.21 16.23
CA GLY B 283 -4.59 -15.24 17.24
C GLY B 283 -5.22 -13.88 17.02
N ILE B 284 -5.14 -13.06 18.07
CA ILE B 284 -5.64 -11.69 18.06
C ILE B 284 -4.47 -10.74 17.85
N THR B 285 -4.62 -9.81 16.92
CA THR B 285 -3.56 -8.85 16.61
C THR B 285 -3.76 -7.50 17.25
N SER B 286 -5.01 -7.06 17.43
CA SER B 286 -5.30 -5.74 17.95
C SER B 286 -6.61 -5.78 18.73
N VAL B 287 -6.81 -4.78 19.59
CA VAL B 287 -7.96 -4.73 20.46
C VAL B 287 -8.24 -3.28 20.83
N SER B 288 -9.52 -2.94 21.01
CA SER B 288 -9.91 -1.57 21.32
C SER B 288 -11.32 -1.55 21.91
N PHE B 289 -11.64 -0.43 22.55
CA PHE B 289 -12.94 -0.19 23.16
C PHE B 289 -13.68 0.93 22.44
N SER B 290 -14.98 1.01 22.67
CA SER B 290 -15.77 2.12 22.16
C SER B 290 -15.80 3.24 23.21
N LYS B 291 -16.53 4.32 22.89
CA LYS B 291 -16.48 5.51 23.74
C LYS B 291 -17.05 5.24 25.12
N SER B 292 -18.15 4.50 25.21
CA SER B 292 -18.74 4.16 26.49
C SER B 292 -18.19 2.86 27.08
N GLY B 293 -17.38 2.12 26.33
CA GLY B 293 -16.83 0.87 26.81
C GLY B 293 -17.75 -0.31 26.70
N ARG B 294 -18.91 -0.16 26.07
CA ARG B 294 -19.87 -1.26 25.96
C ARG B 294 -19.46 -2.28 24.91
N LEU B 295 -18.76 -1.86 23.86
CA LEU B 295 -18.36 -2.75 22.79
C LEU B 295 -16.84 -2.93 22.78
N LEU B 296 -16.39 -4.14 22.47
CA LEU B 296 -14.97 -4.45 22.37
C LEU B 296 -14.69 -4.96 20.96
N LEU B 297 -13.76 -4.31 20.26
CA LEU B 297 -13.43 -4.64 18.88
C LEU B 297 -12.08 -5.33 18.85
N ALA B 298 -12.00 -6.46 18.15
CA ALA B 298 -10.77 -7.24 18.10
C ALA B 298 -10.47 -7.66 16.66
N GLY B 299 -9.22 -7.50 16.23
CA GLY B 299 -8.78 -7.94 14.92
C GLY B 299 -8.06 -9.27 15.00
N TYR B 300 -8.27 -10.10 13.98
CA TYR B 300 -7.81 -11.48 13.99
C TYR B 300 -6.94 -11.79 12.79
N ASP B 301 -6.33 -12.97 12.81
CA ASP B 301 -5.52 -13.47 11.70
C ASP B 301 -6.34 -13.97 10.52
N ASP B 302 -7.62 -14.29 10.74
CA ASP B 302 -8.47 -14.81 9.68
C ASP B 302 -9.13 -13.70 8.87
N PHE B 303 -8.52 -12.52 8.83
CA PHE B 303 -8.75 -11.39 7.94
C PHE B 303 -9.91 -10.48 8.33
N ASN B 304 -10.65 -10.75 9.41
CA ASN B 304 -11.78 -9.91 9.76
C ASN B 304 -11.73 -9.51 11.23
N CYS B 305 -12.60 -8.59 11.61
CA CYS B 305 -12.70 -8.08 12.96
C CYS B 305 -14.02 -8.49 13.58
N ASN B 306 -13.99 -8.75 14.89
CA ASN B 306 -15.17 -9.15 15.64
C ASN B 306 -15.52 -8.09 16.67
N VAL B 307 -16.84 -7.91 16.87
CA VAL B 307 -17.38 -7.00 17.86
C VAL B 307 -18.01 -7.82 18.97
N TRP B 308 -17.66 -7.52 20.21
CA TRP B 308 -18.11 -8.25 21.38
C TRP B 308 -18.88 -7.32 22.29
N ASP B 309 -19.98 -7.82 22.83
CA ASP B 309 -20.64 -7.16 23.95
C ASP B 309 -19.76 -7.34 25.19
N ALA B 310 -19.19 -6.24 25.68
CA ALA B 310 -18.22 -6.34 26.76
C ALA B 310 -18.86 -6.86 28.04
N LEU B 311 -20.09 -6.41 28.34
CA LEU B 311 -20.71 -6.77 29.59
C LEU B 311 -21.25 -8.20 29.60
N LYS B 312 -21.64 -8.73 28.44
CA LYS B 312 -22.29 -10.03 28.37
C LYS B 312 -21.48 -11.09 27.63
N ALA B 313 -20.36 -10.73 27.02
CA ALA B 313 -19.47 -11.67 26.33
C ALA B 313 -20.16 -12.40 25.18
N ASP B 314 -21.02 -11.71 24.44
CA ASP B 314 -21.65 -12.27 23.26
C ASP B 314 -21.14 -11.56 22.01
N ARG B 315 -21.16 -12.28 20.90
CA ARG B 315 -20.86 -11.67 19.62
C ARG B 315 -21.97 -10.72 19.20
N ALA B 316 -21.60 -9.64 18.54
CA ALA B 316 -22.56 -8.64 18.10
C ALA B 316 -22.39 -8.21 16.66
N GLY B 317 -21.26 -8.45 16.02
CA GLY B 317 -21.10 -8.05 14.64
C GLY B 317 -19.72 -8.42 14.13
N VAL B 318 -19.58 -8.36 12.81
CA VAL B 318 -18.34 -8.68 12.13
C VAL B 318 -18.03 -7.58 11.12
N LEU B 319 -16.78 -7.15 11.07
CA LEU B 319 -16.28 -6.27 10.02
C LEU B 319 -15.41 -7.10 9.08
N ALA B 320 -15.88 -7.27 7.85
CA ALA B 320 -15.16 -8.02 6.84
C ALA B 320 -14.94 -7.14 5.62
N GLY B 321 -13.92 -7.47 4.84
CA GLY B 321 -13.56 -6.61 3.72
C GLY B 321 -12.07 -6.39 3.54
N HIS B 322 -11.25 -7.19 4.22
CA HIS B 322 -9.81 -7.21 3.99
C HIS B 322 -9.40 -8.57 3.45
N ASP B 323 -8.33 -8.57 2.65
CA ASP B 323 -7.83 -9.77 1.99
C ASP B 323 -6.65 -10.42 2.71
N ASN B 324 -6.25 -9.89 3.86
CA ASN B 324 -5.13 -10.45 4.60
C ASN B 324 -5.31 -10.10 6.08
N ARG B 325 -4.25 -10.29 6.86
CA ARG B 325 -4.31 -10.07 8.30
C ARG B 325 -4.74 -8.65 8.62
N VAL B 326 -5.61 -8.52 9.63
CA VAL B 326 -5.92 -7.22 10.22
C VAL B 326 -4.86 -6.97 11.30
N SER B 327 -3.97 -6.02 11.04
CA SER B 327 -2.82 -5.80 11.91
C SER B 327 -3.00 -4.67 12.90
N CYS B 328 -3.91 -3.73 12.63
CA CYS B 328 -4.09 -2.58 13.51
C CYS B 328 -5.50 -2.05 13.37
N LEU B 329 -6.02 -1.49 14.46
CA LEU B 329 -7.32 -0.83 14.44
C LEU B 329 -7.35 0.23 15.52
N GLY B 330 -8.23 1.21 15.33
CA GLY B 330 -8.34 2.30 16.27
C GLY B 330 -9.70 2.97 16.22
N VAL B 331 -10.05 3.62 17.33
CA VAL B 331 -11.31 4.34 17.47
C VAL B 331 -11.00 5.79 17.80
N THR B 332 -11.77 6.70 17.20
CA THR B 332 -11.55 8.13 17.37
C THR B 332 -11.89 8.57 18.79
N ASP B 333 -11.43 9.77 19.14
CA ASP B 333 -11.66 10.30 20.48
C ASP B 333 -13.11 10.66 20.73
N ASP B 334 -13.84 11.08 19.70
CA ASP B 334 -15.27 11.32 19.84
C ASP B 334 -16.11 10.09 19.52
N GLY B 335 -15.48 8.98 19.16
CA GLY B 335 -16.18 7.73 18.93
C GLY B 335 -17.11 7.70 17.74
N MET B 336 -16.74 8.36 16.65
CA MET B 336 -17.60 8.43 15.48
C MET B 336 -17.25 7.42 14.39
N ALA B 337 -16.04 6.86 14.41
CA ALA B 337 -15.62 5.96 13.34
C ALA B 337 -14.58 4.99 13.87
N VAL B 338 -14.38 3.91 13.13
CA VAL B 338 -13.30 2.96 13.39
C VAL B 338 -12.39 2.94 12.18
N ALA B 339 -11.11 2.66 12.41
CA ALA B 339 -10.14 2.53 11.34
C ALA B 339 -9.45 1.18 11.47
N THR B 340 -9.36 0.46 10.35
CA THR B 340 -8.68 -0.83 10.31
C THR B 340 -7.62 -0.81 9.21
N GLY B 341 -6.41 -1.26 9.55
CA GLY B 341 -5.35 -1.47 8.59
C GLY B 341 -5.09 -2.97 8.43
N SER B 342 -4.38 -3.30 7.36
CA SER B 342 -4.23 -4.71 7.02
C SER B 342 -2.96 -4.96 6.22
N TRP B 343 -2.59 -6.24 6.13
CA TRP B 343 -1.44 -6.67 5.35
C TRP B 343 -1.68 -6.60 3.85
N ASP B 344 -2.91 -6.35 3.42
CA ASP B 344 -3.20 -6.18 2.00
C ASP B 344 -2.98 -4.76 1.51
N SER B 345 -2.41 -3.89 2.35
CA SER B 345 -1.95 -2.54 2.02
C SER B 345 -3.07 -1.51 1.88
N PHE B 346 -4.20 -1.71 2.54
CA PHE B 346 -5.28 -0.71 2.54
C PHE B 346 -5.71 -0.40 3.96
N LEU B 347 -6.30 0.78 4.12
CA LEU B 347 -6.96 1.19 5.35
C LEU B 347 -8.42 1.46 5.06
N LYS B 348 -9.28 1.13 6.03
CA LYS B 348 -10.72 1.32 5.86
C LYS B 348 -11.29 2.03 7.08
N ILE B 349 -12.21 2.96 6.82
CA ILE B 349 -12.96 3.68 7.86
C ILE B 349 -14.36 3.11 7.89
N TRP B 350 -14.85 2.79 9.08
CA TRP B 350 -16.15 2.16 9.28
C TRP B 350 -17.03 3.02 10.15
N ASN B 351 -18.32 3.02 9.85
CA ASN B 351 -19.30 3.81 10.58
C ASN B 351 -20.63 3.06 10.64
N GLY B 352 -21.41 3.35 11.68
CA GLY B 352 -22.73 2.77 11.78
C GLY B 352 -23.77 3.54 10.98
N SER B 353 -24.89 2.87 10.72
CA SER B 353 -25.98 3.46 9.94
C SER B 353 -27.25 3.49 10.79
N SER B 354 -27.87 4.66 10.88
CA SER B 354 -29.08 4.84 11.67
C SER B 354 -30.26 4.08 11.09
N THR C 6 25.24 -15.92 44.33
CA THR C 6 25.51 -14.53 43.98
C THR C 6 24.45 -13.98 43.03
N ALA C 7 24.54 -14.36 41.76
CA ALA C 7 23.57 -13.89 40.77
C ALA C 7 22.20 -14.53 41.00
N SER C 8 22.17 -15.85 41.18
CA SER C 8 20.91 -16.53 41.44
C SER C 8 20.32 -16.09 42.77
N ILE C 9 21.16 -15.91 43.79
CA ILE C 9 20.68 -15.46 45.09
C ILE C 9 20.07 -14.07 44.98
N ALA C 10 20.75 -13.18 44.25
CA ALA C 10 20.22 -11.83 44.05
C ALA C 10 18.90 -11.85 43.30
N GLN C 11 18.81 -12.67 42.25
CA GLN C 11 17.56 -12.76 41.49
C GLN C 11 16.42 -13.28 42.36
N ALA C 12 16.68 -14.32 43.16
CA ALA C 12 15.65 -14.86 44.03
C ALA C 12 15.24 -13.85 45.09
N ARG C 13 16.20 -13.12 45.65
CA ARG C 13 15.87 -12.11 46.65
C ARG C 13 15.02 -11.00 46.04
N LYS C 14 15.36 -10.57 44.83
CA LYS C 14 14.56 -9.53 44.17
C LYS C 14 13.15 -10.04 43.89
N LEU C 15 13.01 -11.29 43.44
CA LEU C 15 11.69 -11.85 43.19
C LEU C 15 10.87 -11.92 44.47
N VAL C 16 11.50 -12.34 45.57
CA VAL C 16 10.79 -12.44 46.84
C VAL C 16 10.35 -11.07 47.32
N GLU C 17 11.22 -10.06 47.18
CA GLU C 17 10.87 -8.71 47.59
C GLU C 17 9.71 -8.17 46.76
N GLN C 18 9.72 -8.40 45.45
CA GLN C 18 8.62 -7.96 44.60
C GLN C 18 7.32 -8.67 44.97
N LEU C 19 7.38 -9.98 45.23
CA LEU C 19 6.20 -10.72 45.62
C LEU C 19 5.64 -10.20 46.95
N LYS C 20 6.51 -9.91 47.90
CA LYS C 20 6.06 -9.36 49.18
C LYS C 20 5.42 -7.99 48.99
N MET C 21 6.01 -7.15 48.13
CA MET C 21 5.43 -5.84 47.88
C MET C 21 4.06 -5.96 47.21
N GLU C 22 3.89 -6.93 46.33
CA GLU C 22 2.63 -7.08 45.61
C GLU C 22 1.48 -7.43 46.56
N ALA C 23 1.73 -8.30 47.54
CA ALA C 23 0.68 -8.80 48.42
C ALA C 23 0.48 -7.87 49.62
N ASN C 24 0.29 -6.59 49.31
CA ASN C 24 0.00 -5.59 50.33
C ASN C 24 -1.17 -4.67 49.96
N ILE C 25 -1.71 -4.77 48.77
CA ILE C 25 -2.85 -3.97 48.35
C ILE C 25 -4.12 -4.55 48.96
N ASP C 26 -5.20 -3.77 48.92
CA ASP C 26 -6.51 -4.24 49.37
C ASP C 26 -7.42 -4.46 48.16
N ARG C 27 -8.09 -5.61 48.14
CA ARG C 27 -8.92 -6.02 47.01
C ARG C 27 -10.39 -5.94 47.40
N ILE C 28 -11.17 -5.23 46.59
CA ILE C 28 -12.61 -5.11 46.81
C ILE C 28 -13.33 -6.29 46.17
N LYS C 29 -14.60 -6.49 46.53
CA LYS C 29 -15.35 -7.62 46.01
C LYS C 29 -15.58 -7.49 44.52
N VAL C 30 -15.74 -8.63 43.86
CA VAL C 30 -15.97 -8.64 42.42
C VAL C 30 -17.30 -7.99 42.08
N SER C 31 -18.31 -8.17 42.93
CA SER C 31 -19.63 -7.62 42.65
C SER C 31 -19.60 -6.10 42.57
N LYS C 32 -18.82 -5.45 43.45
CA LYS C 32 -18.71 -4.00 43.41
C LYS C 32 -18.08 -3.53 42.11
N ALA C 33 -17.01 -4.21 41.66
CA ALA C 33 -16.37 -3.83 40.40
C ALA C 33 -17.30 -4.04 39.21
N ALA C 34 -18.04 -5.15 39.20
CA ALA C 34 -18.99 -5.41 38.14
C ALA C 34 -20.08 -4.35 38.10
N ALA C 35 -20.60 -3.96 39.27
CA ALA C 35 -21.61 -2.92 39.33
C ALA C 35 -21.06 -1.58 38.87
N ASP C 36 -19.80 -1.29 39.20
CA ASP C 36 -19.19 -0.05 38.74
C ASP C 36 -19.06 -0.01 37.22
N LEU C 37 -18.64 -1.14 36.63
CA LEU C 37 -18.55 -1.19 35.17
C LEU C 37 -19.93 -1.01 34.53
N MET C 38 -20.94 -1.68 35.08
CA MET C 38 -22.29 -1.54 34.55
C MET C 38 -22.79 -0.11 34.68
N ALA C 39 -22.51 0.54 35.80
CA ALA C 39 -22.94 1.92 36.00
C ALA C 39 -22.28 2.85 35.02
N TYR C 40 -20.97 2.69 34.80
CA TYR C 40 -20.29 3.54 33.83
C TYR C 40 -20.84 3.33 32.42
N CYS C 41 -21.08 2.07 32.05
CA CYS C 41 -21.60 1.81 30.71
C CYS C 41 -23.00 2.40 30.54
N GLU C 42 -23.83 2.33 31.58
CA GLU C 42 -25.18 2.88 31.50
C GLU C 42 -25.18 4.41 31.46
N ALA C 43 -24.28 5.05 32.22
CA ALA C 43 -24.31 6.50 32.32
C ALA C 43 -23.91 7.18 31.01
N HIS C 44 -23.07 6.55 30.20
CA HIS C 44 -22.55 7.15 28.98
C HIS C 44 -23.10 6.50 27.72
N ALA C 45 -24.24 5.82 27.82
CA ALA C 45 -24.75 5.05 26.69
C ALA C 45 -25.18 5.95 25.54
N LYS C 46 -25.75 7.12 25.85
CA LYS C 46 -26.32 7.98 24.83
C LYS C 46 -25.30 8.78 24.04
N GLU C 47 -24.02 8.74 24.43
CA GLU C 47 -22.98 9.49 23.75
C GLU C 47 -22.05 8.59 22.94
N ASP C 48 -22.52 7.40 22.56
CA ASP C 48 -21.70 6.46 21.81
C ASP C 48 -22.26 6.30 20.40
N PRO C 49 -21.70 6.99 19.40
CA PRO C 49 -22.22 6.85 18.03
C PRO C 49 -22.14 5.44 17.47
N LEU C 50 -21.16 4.64 17.89
CA LEU C 50 -21.05 3.28 17.37
C LEU C 50 -22.14 2.38 17.94
N LEU C 51 -22.44 2.54 19.23
CA LEU C 51 -23.51 1.77 19.83
C LEU C 51 -24.88 2.25 19.37
N THR C 52 -25.10 3.56 19.35
CA THR C 52 -26.35 4.16 18.90
C THR C 52 -26.06 5.05 17.70
N PRO C 53 -26.38 4.61 16.48
CA PRO C 53 -25.97 5.38 15.29
C PRO C 53 -26.61 6.76 15.24
N VAL C 54 -25.89 7.68 14.61
CA VAL C 54 -26.24 9.09 14.53
C VAL C 54 -26.94 9.37 13.21
N PRO C 55 -27.91 10.29 13.16
CA PRO C 55 -28.59 10.58 11.89
C PRO C 55 -27.62 11.09 10.83
N ALA C 56 -27.95 10.80 9.56
CA ALA C 56 -27.05 11.05 8.46
C ALA C 56 -26.70 12.53 8.29
N SER C 57 -27.50 13.43 8.85
CA SER C 57 -27.19 14.85 8.75
C SER C 57 -26.02 15.25 9.64
N GLU C 58 -25.70 14.46 10.65
CA GLU C 58 -24.63 14.77 11.57
C GLU C 58 -23.42 13.85 11.44
N ASN C 59 -23.42 12.94 10.48
CA ASN C 59 -22.28 12.05 10.29
C ASN C 59 -21.23 12.71 9.43
N PRO C 60 -20.00 12.90 9.93
CA PRO C 60 -18.95 13.52 9.09
C PRO C 60 -18.47 12.63 7.96
N PHE C 61 -18.77 11.34 7.99
CA PHE C 61 -18.26 10.39 7.00
C PHE C 61 -19.35 9.91 6.04
N ARG C 62 -20.39 10.72 5.84
CA ARG C 62 -21.46 10.33 4.91
C ARG C 62 -20.99 10.51 3.48
N GLU C 63 -21.35 9.57 2.62
CA GLU C 63 -21.00 9.62 1.20
C GLU C 63 -21.80 8.60 0.40
N THR D 173 -23.58 -38.67 -60.17
CA THR D 173 -23.38 -39.41 -58.93
C THR D 173 -23.59 -38.50 -57.72
N CYS D 174 -23.84 -37.22 -57.97
CA CYS D 174 -23.92 -36.22 -56.92
C CYS D 174 -25.29 -36.16 -56.25
N LYS D 175 -26.18 -37.12 -56.50
CA LYS D 175 -27.42 -37.19 -55.74
C LYS D 175 -27.15 -37.58 -54.29
N ASN D 176 -26.35 -38.63 -54.09
CA ASN D 176 -25.93 -39.00 -52.74
C ASN D 176 -25.10 -37.88 -52.11
N TRP D 177 -24.28 -37.21 -52.93
CA TRP D 177 -23.53 -36.06 -52.43
C TRP D 177 -24.45 -34.96 -51.93
N LEU D 178 -25.50 -34.65 -52.68
CA LEU D 178 -26.44 -33.61 -52.25
C LEU D 178 -27.18 -34.03 -50.99
N ALA D 179 -27.58 -35.30 -50.91
CA ALA D 179 -28.23 -35.79 -49.70
C ALA D 179 -27.31 -35.68 -48.48
N ALA D 180 -26.04 -36.06 -48.66
CA ALA D 180 -25.08 -35.96 -47.55
C ALA D 180 -24.83 -34.51 -47.17
N GLU D 181 -24.77 -33.61 -48.16
CA GLU D 181 -24.59 -32.19 -47.86
C GLU D 181 -25.77 -31.65 -47.06
N ALA D 182 -26.99 -32.03 -47.46
CA ALA D 182 -28.17 -31.60 -46.71
C ALA D 182 -28.14 -32.15 -45.29
N ALA D 183 -27.76 -33.41 -45.12
CA ALA D 183 -27.69 -34.00 -43.78
C ALA D 183 -26.66 -33.28 -42.92
N LEU D 184 -25.49 -32.98 -43.50
CA LEU D 184 -24.46 -32.26 -42.77
C LEU D 184 -24.97 -30.89 -42.33
N GLU D 185 -25.47 -30.09 -43.28
CA GLU D 185 -25.97 -28.76 -42.96
C GLU D 185 -27.15 -28.80 -42.00
N LYS D 186 -27.87 -29.91 -41.93
CA LYS D 186 -29.03 -29.98 -41.03
C LYS D 186 -28.62 -30.34 -39.62
N TYR D 187 -27.73 -31.32 -39.46
CA TYR D 187 -27.42 -31.85 -38.13
C TYR D 187 -26.05 -31.43 -37.61
N TYR D 188 -25.00 -31.58 -38.43
CA TYR D 188 -23.63 -31.42 -37.95
C TYR D 188 -23.39 -29.99 -37.49
N LEU D 189 -23.84 -29.01 -38.28
CA LEU D 189 -23.62 -27.62 -37.94
C LEU D 189 -24.32 -27.24 -36.63
N SER D 190 -25.58 -27.62 -36.50
CA SER D 190 -26.34 -27.28 -35.30
C SER D 190 -25.75 -27.93 -34.06
N ILE D 191 -25.37 -29.21 -34.17
CA ILE D 191 -24.83 -29.94 -33.02
C ILE D 191 -23.51 -29.32 -32.57
N PHE D 192 -22.58 -29.14 -33.53
CA PHE D 192 -21.26 -28.61 -33.18
C PHE D 192 -21.39 -27.20 -32.64
N TYR D 193 -22.27 -26.40 -33.24
CA TYR D 193 -22.48 -25.03 -32.76
C TYR D 193 -23.01 -25.01 -31.34
N GLY D 194 -23.94 -25.92 -31.03
CA GLY D 194 -24.46 -25.97 -29.66
C GLY D 194 -23.42 -26.34 -28.64
N ILE D 195 -22.63 -27.39 -28.94
CA ILE D 195 -21.57 -27.79 -28.01
C ILE D 195 -20.57 -26.67 -27.82
N GLU D 196 -20.14 -26.06 -28.93
CA GLU D 196 -19.18 -24.96 -28.84
C GLU D 196 -19.75 -23.80 -28.02
N PHE D 197 -21.02 -23.46 -28.27
CA PHE D 197 -21.63 -22.37 -27.51
C PHE D 197 -21.59 -22.66 -26.02
N VAL D 198 -22.08 -23.83 -25.60
CA VAL D 198 -22.20 -24.08 -24.16
C VAL D 198 -20.82 -24.09 -23.50
N VAL D 199 -19.88 -24.85 -24.08
CA VAL D 199 -18.56 -24.99 -23.45
C VAL D 199 -17.85 -23.64 -23.43
N GLY D 200 -17.90 -22.91 -24.56
CA GLY D 200 -17.20 -21.65 -24.63
C GLY D 200 -17.75 -20.60 -23.71
N VAL D 201 -19.09 -20.47 -23.64
CA VAL D 201 -19.66 -19.48 -22.74
C VAL D 201 -19.33 -19.82 -21.30
N LEU D 202 -19.36 -21.11 -20.95
CA LEU D 202 -18.99 -21.49 -19.58
C LEU D 202 -17.56 -21.08 -19.26
N GLY D 203 -16.61 -21.47 -20.12
CA GLY D 203 -15.21 -21.17 -19.84
C GLY D 203 -14.92 -19.67 -19.83
N ASN D 204 -15.44 -18.95 -20.81
CA ASN D 204 -15.18 -17.52 -20.90
C ASN D 204 -15.83 -16.76 -19.76
N THR D 205 -17.03 -17.17 -19.34
CA THR D 205 -17.65 -16.55 -18.17
C THR D 205 -16.81 -16.79 -16.92
N ILE D 206 -16.30 -18.01 -16.75
CA ILE D 206 -15.45 -18.30 -15.60
C ILE D 206 -14.23 -17.38 -15.60
N VAL D 207 -13.57 -17.28 -16.76
CA VAL D 207 -12.34 -16.48 -16.84
C VAL D 207 -12.62 -15.01 -16.60
N VAL D 208 -13.69 -14.48 -17.20
CA VAL D 208 -14.02 -13.07 -17.04
C VAL D 208 -14.35 -12.76 -15.60
N PHE D 209 -15.14 -13.63 -14.94
CA PHE D 209 -15.47 -13.41 -13.54
C PHE D 209 -14.22 -13.46 -12.67
N GLY D 210 -13.34 -14.42 -12.92
CA GLY D 210 -12.11 -14.52 -12.15
C GLY D 210 -11.24 -13.30 -12.27
N TYR D 211 -11.09 -12.79 -13.50
CA TYR D 211 -10.31 -11.57 -13.71
C TYR D 211 -10.96 -10.36 -13.04
N LEU D 212 -12.29 -10.27 -13.15
CA LEU D 212 -12.98 -9.10 -12.63
C LEU D 212 -13.06 -9.09 -11.10
N PHE D 213 -12.93 -10.25 -10.46
CA PHE D 213 -13.04 -10.31 -9.01
C PHE D 213 -11.71 -10.63 -8.34
N CYS D 214 -11.05 -11.72 -8.72
CA CYS D 214 -9.83 -12.16 -8.04
C CYS D 214 -8.59 -11.71 -8.81
N LEU D 215 -8.39 -10.39 -8.84
CA LEU D 215 -7.23 -9.79 -9.49
C LEU D 215 -7.05 -8.34 -9.04
N LYS D 216 -5.83 -7.98 -8.65
CA LYS D 216 -5.53 -6.65 -8.13
C LYS D 216 -4.66 -5.82 -9.07
N ASN D 217 -3.50 -6.34 -9.44
CA ASN D 217 -2.59 -5.63 -10.33
C ASN D 217 -2.82 -6.05 -11.78
N TRP D 218 -2.70 -5.08 -12.68
CA TRP D 218 -2.91 -5.30 -14.11
C TRP D 218 -1.67 -4.88 -14.87
N ASN D 219 -1.13 -5.79 -15.67
CA ASN D 219 -0.02 -5.54 -16.57
C ASN D 219 -0.44 -5.85 -17.99
N SER D 220 0.51 -5.76 -18.92
CA SER D 220 0.18 -5.89 -20.34
C SER D 220 -0.37 -7.27 -20.66
N SER D 221 0.20 -8.31 -20.07
CA SER D 221 -0.28 -9.67 -20.32
C SER D 221 -1.73 -9.83 -19.88
N ASN D 222 -2.08 -9.28 -18.71
CA ASN D 222 -3.45 -9.36 -18.24
C ASN D 222 -4.40 -8.63 -19.19
N ILE D 223 -3.99 -7.46 -19.69
CA ILE D 223 -4.85 -6.71 -20.60
C ILE D 223 -5.09 -7.49 -21.88
N TYR D 224 -4.02 -8.03 -22.47
CA TYR D 224 -4.18 -8.78 -23.73
C TYR D 224 -5.04 -10.01 -23.54
N LEU D 225 -4.81 -10.76 -22.46
CA LEU D 225 -5.58 -11.97 -22.22
C LEU D 225 -7.05 -11.65 -21.93
N PHE D 226 -7.30 -10.59 -21.17
CA PHE D 226 -8.68 -10.18 -20.89
C PHE D 226 -9.41 -9.78 -22.17
N ASN D 227 -8.73 -9.02 -23.04
CA ASN D 227 -9.36 -8.63 -24.29
C ASN D 227 -9.61 -9.84 -25.19
N LEU D 228 -8.69 -10.81 -25.18
CA LEU D 228 -8.93 -12.03 -25.95
C LEU D 228 -10.16 -12.77 -25.44
N SER D 229 -10.32 -12.86 -24.12
CA SER D 229 -11.50 -13.52 -23.57
C SER D 229 -12.78 -12.75 -23.90
N ILE D 230 -12.73 -11.43 -23.83
CA ILE D 230 -13.89 -10.61 -24.18
C ILE D 230 -14.28 -10.80 -25.63
N SER D 231 -13.29 -10.82 -26.53
CA SER D 231 -13.56 -11.07 -27.94
C SER D 231 -14.15 -12.45 -28.16
N ASP D 232 -13.65 -13.46 -27.45
CA ASP D 232 -14.22 -14.81 -27.57
C ASP D 232 -15.67 -14.84 -27.13
N LEU D 233 -16.00 -14.17 -26.02
CA LEU D 233 -17.39 -14.13 -25.56
C LEU D 233 -18.29 -13.41 -26.55
N ALA D 234 -17.82 -12.27 -27.07
CA ALA D 234 -18.62 -11.51 -28.03
C ALA D 234 -18.86 -12.32 -29.29
N PHE D 235 -17.84 -13.07 -29.73
CA PHE D 235 -18.02 -13.94 -30.88
C PHE D 235 -19.01 -15.05 -30.59
N LEU D 236 -18.91 -15.69 -29.42
CA LEU D 236 -19.78 -16.82 -29.10
C LEU D 236 -21.22 -16.39 -28.88
N CYS D 237 -21.46 -15.13 -28.54
CA CYS D 237 -22.81 -14.66 -28.28
C CYS D 237 -23.62 -14.40 -29.55
N THR D 238 -23.19 -14.91 -30.71
CA THR D 238 -23.92 -14.73 -31.95
C THR D 238 -24.28 -16.05 -32.62
N LEU D 239 -24.17 -17.17 -31.91
CA LEU D 239 -24.47 -18.49 -32.45
C LEU D 239 -25.95 -18.90 -32.44
N PRO D 240 -26.74 -18.60 -31.38
CA PRO D 240 -28.09 -19.20 -31.29
C PRO D 240 -28.98 -18.93 -32.48
N MET D 241 -28.96 -17.71 -33.04
CA MET D 241 -29.79 -17.43 -34.20
C MET D 241 -29.39 -18.29 -35.38
N LEU D 242 -28.08 -18.46 -35.60
CA LEU D 242 -27.62 -19.33 -36.67
C LEU D 242 -28.05 -20.78 -36.44
N ILE D 243 -27.93 -21.26 -35.20
CA ILE D 243 -28.32 -22.62 -34.89
C ILE D 243 -29.81 -22.83 -35.15
N ARG D 244 -30.64 -21.91 -34.67
CA ARG D 244 -32.08 -22.03 -34.85
C ARG D 244 -32.47 -21.95 -36.31
N SER D 245 -31.84 -21.05 -37.07
CA SER D 245 -32.15 -20.92 -38.49
C SER D 245 -31.76 -22.17 -39.25
N TYR D 246 -30.60 -22.74 -38.94
CA TYR D 246 -30.17 -23.96 -39.63
C TYR D 246 -31.06 -25.13 -39.26
N ALA D 247 -31.53 -25.19 -38.01
CA ALA D 247 -32.44 -26.25 -37.60
C ALA D 247 -33.79 -26.14 -38.31
N ASN D 248 -34.39 -24.95 -38.27
CA ASN D 248 -35.69 -24.76 -38.90
C ASN D 248 -35.58 -24.82 -40.42
N GLY D 249 -34.57 -24.19 -40.99
CA GLY D 249 -34.42 -24.10 -42.42
C GLY D 249 -34.78 -22.76 -43.03
N ASN D 250 -34.90 -21.71 -42.23
CA ASN D 250 -35.24 -20.39 -42.73
C ASN D 250 -34.83 -19.37 -41.67
N TRP D 251 -34.96 -18.09 -42.03
CA TRP D 251 -34.62 -16.98 -41.16
C TRP D 251 -35.91 -16.30 -40.71
N ILE D 252 -36.05 -16.12 -39.39
CA ILE D 252 -37.28 -15.62 -38.81
C ILE D 252 -36.99 -14.44 -37.88
N TYR D 253 -35.88 -13.75 -38.11
CA TYR D 253 -35.48 -12.65 -37.26
C TYR D 253 -35.31 -11.32 -37.99
N GLY D 254 -35.49 -11.28 -39.31
CA GLY D 254 -35.35 -10.06 -40.07
C GLY D 254 -34.02 -9.99 -40.81
N ASP D 255 -34.01 -9.15 -41.86
CA ASP D 255 -32.80 -8.98 -42.66
C ASP D 255 -31.72 -8.25 -41.87
N VAL D 256 -32.10 -7.16 -41.18
CA VAL D 256 -31.12 -6.40 -40.41
C VAL D 256 -30.45 -7.29 -39.38
N LEU D 257 -31.17 -8.29 -38.88
CA LEU D 257 -30.54 -9.27 -37.98
C LEU D 257 -29.55 -10.14 -38.75
N CYS D 258 -29.81 -10.39 -40.03
CA CYS D 258 -28.83 -11.11 -40.84
C CYS D 258 -27.54 -10.32 -40.96
N ILE D 259 -27.63 -9.02 -41.28
CA ILE D 259 -26.41 -8.24 -41.44
C ILE D 259 -25.79 -7.95 -40.07
N SER D 260 -26.56 -8.12 -39.00
CA SER D 260 -26.04 -7.89 -37.66
C SER D 260 -25.46 -9.13 -36.99
N ASN D 261 -25.73 -10.33 -37.51
CA ASN D 261 -25.11 -11.54 -36.98
C ASN D 261 -23.84 -11.91 -37.74
N ARG D 262 -23.90 -11.95 -39.06
CA ARG D 262 -22.80 -12.40 -39.90
C ARG D 262 -21.64 -11.39 -39.94
N TYR D 263 -21.80 -10.18 -39.39
CA TYR D 263 -20.74 -9.19 -39.37
C TYR D 263 -19.89 -9.29 -38.11
N VAL D 264 -20.51 -9.48 -36.95
CA VAL D 264 -19.82 -9.54 -35.67
C VAL D 264 -18.90 -10.75 -35.62
N LEU D 265 -19.35 -11.85 -36.22
CA LEU D 265 -18.58 -13.09 -36.29
C LEU D 265 -17.16 -12.84 -36.76
N HIS D 266 -17.01 -12.34 -38.00
CA HIS D 266 -15.70 -12.23 -38.62
C HIS D 266 -14.83 -11.21 -37.91
N ALA D 267 -15.42 -10.08 -37.50
CA ALA D 267 -14.65 -9.07 -36.80
C ALA D 267 -14.04 -9.63 -35.53
N ASN D 268 -14.83 -10.37 -34.75
CA ASN D 268 -14.30 -10.93 -33.51
C ASN D 268 -13.30 -12.04 -33.78
N LEU D 269 -13.51 -12.81 -34.85
CA LEU D 269 -12.54 -13.81 -35.26
C LEU D 269 -11.16 -13.18 -35.46
N TYR D 270 -11.10 -12.14 -36.27
CA TYR D 270 -9.81 -11.55 -36.60
C TYR D 270 -9.24 -10.74 -35.44
N THR D 271 -10.10 -10.16 -34.61
CA THR D 271 -9.61 -9.49 -33.41
C THR D 271 -8.90 -10.47 -32.49
N SER D 272 -9.49 -11.66 -32.28
CA SER D 272 -8.84 -12.67 -31.47
C SER D 272 -7.52 -13.12 -32.09
N ILE D 273 -7.51 -13.29 -33.43
CA ILE D 273 -6.29 -13.69 -34.10
C ILE D 273 -5.17 -12.70 -33.83
N LEU D 274 -5.47 -11.40 -33.88
CA LEU D 274 -4.42 -10.40 -33.62
C LEU D 274 -3.99 -10.40 -32.16
N PHE D 275 -4.94 -10.57 -31.24
CA PHE D 275 -4.59 -10.56 -29.82
C PHE D 275 -3.67 -11.72 -29.47
N LEU D 276 -3.81 -12.86 -30.15
CA LEU D 276 -2.89 -13.97 -29.90
C LEU D 276 -1.45 -13.59 -30.22
N THR D 277 -1.23 -12.94 -31.36
CA THR D 277 0.13 -12.55 -31.74
C THR D 277 0.69 -11.49 -30.79
N PHE D 278 -0.16 -10.58 -30.31
CA PHE D 278 0.35 -9.63 -29.33
C PHE D 278 0.70 -10.33 -28.02
N ILE D 279 -0.02 -11.38 -27.66
CA ILE D 279 0.36 -12.19 -26.50
C ILE D 279 1.74 -12.80 -26.71
N SER D 280 2.00 -13.32 -27.92
CA SER D 280 3.32 -13.88 -28.22
C SER D 280 4.42 -12.84 -28.11
N ILE D 281 4.18 -11.64 -28.64
CA ILE D 281 5.16 -10.57 -28.55
C ILE D 281 5.47 -10.23 -27.10
N ASP D 282 4.43 -10.14 -26.27
CA ASP D 282 4.63 -9.82 -24.87
C ASP D 282 5.42 -10.93 -24.17
N ARG D 283 5.13 -12.18 -24.51
CA ARG D 283 5.90 -13.29 -23.92
C ARG D 283 7.36 -13.23 -24.32
N TYR D 284 7.66 -12.76 -25.54
CA TYR D 284 9.06 -12.57 -25.89
C TYR D 284 9.69 -11.43 -25.09
N LEU D 285 8.97 -10.32 -24.96
CA LEU D 285 9.53 -9.16 -24.27
C LEU D 285 9.76 -9.41 -22.79
N ILE D 286 9.00 -10.34 -22.19
CA ILE D 286 9.20 -10.59 -20.76
C ILE D 286 10.54 -11.26 -20.50
N ILE D 287 11.03 -12.07 -21.44
CA ILE D 287 12.33 -12.69 -21.26
C ILE D 287 13.43 -11.82 -21.86
N LYS D 288 13.09 -10.94 -22.80
CA LYS D 288 14.09 -10.01 -23.31
C LYS D 288 14.43 -8.95 -22.27
N TYR D 289 13.43 -8.37 -21.61
CA TYR D 289 13.62 -7.31 -20.63
C TYR D 289 12.87 -7.64 -19.35
N PRO D 290 13.48 -8.44 -18.47
CA PRO D 290 12.89 -8.63 -17.14
C PRO D 290 12.78 -7.31 -16.40
N PHE D 291 11.99 -7.31 -15.33
CA PHE D 291 11.59 -6.13 -14.56
C PHE D 291 10.69 -5.20 -15.36
N ARG D 292 10.35 -5.55 -16.60
CA ARG D 292 9.41 -4.79 -17.43
C ARG D 292 9.88 -3.34 -17.63
N GLU D 293 11.04 -3.21 -18.28
CA GLU D 293 11.68 -1.92 -18.50
C GLU D 293 11.46 -1.37 -19.90
N HIS D 294 10.63 -2.01 -20.71
CA HIS D 294 10.38 -1.54 -22.07
C HIS D 294 9.09 -0.73 -22.14
N LEU D 295 9.01 0.12 -23.17
CA LEU D 295 7.82 0.95 -23.35
C LEU D 295 6.60 0.11 -23.65
N LEU D 296 6.75 -0.94 -24.47
CA LEU D 296 5.63 -1.77 -24.86
C LEU D 296 5.04 -2.55 -23.69
N GLN D 297 5.73 -2.61 -22.56
CA GLN D 297 5.26 -3.33 -21.38
C GLN D 297 4.53 -2.43 -20.39
N LYS D 298 4.05 -1.27 -20.83
CA LYS D 298 3.31 -0.34 -20.00
C LYS D 298 1.81 -0.49 -20.24
N LYS D 299 1.03 -0.29 -19.17
CA LYS D 299 -0.41 -0.54 -19.24
C LYS D 299 -1.10 0.42 -20.21
N GLU D 300 -0.70 1.70 -20.21
CA GLU D 300 -1.33 2.68 -21.09
C GLU D 300 -1.10 2.32 -22.56
N PHE D 301 0.13 1.93 -22.90
CA PHE D 301 0.41 1.51 -24.27
C PHE D 301 -0.40 0.27 -24.64
N ALA D 302 -0.57 -0.66 -23.68
CA ALA D 302 -1.37 -1.85 -23.94
C ALA D 302 -2.82 -1.49 -24.23
N ILE D 303 -3.39 -0.56 -23.46
CA ILE D 303 -4.77 -0.14 -23.70
C ILE D 303 -4.90 0.55 -25.05
N LEU D 304 -3.93 1.41 -25.38
CA LEU D 304 -3.96 2.09 -26.68
C LEU D 304 -3.89 1.09 -27.82
N ILE D 305 -3.03 0.07 -27.69
CA ILE D 305 -2.90 -0.93 -28.74
C ILE D 305 -4.17 -1.77 -28.84
N SER D 306 -4.81 -2.06 -27.71
CA SER D 306 -6.06 -2.82 -27.75
C SER D 306 -7.14 -2.04 -28.49
N LEU D 307 -7.28 -0.75 -28.18
CA LEU D 307 -8.25 0.08 -28.86
C LEU D 307 -7.93 0.18 -30.36
N ALA D 308 -6.65 0.30 -30.69
CA ALA D 308 -6.25 0.36 -32.10
C ALA D 308 -6.59 -0.94 -32.81
N ILE D 309 -6.40 -2.09 -32.14
CA ILE D 309 -6.75 -3.37 -32.73
C ILE D 309 -8.24 -3.43 -33.03
N TRP D 310 -9.06 -3.06 -32.05
CA TRP D 310 -10.51 -3.11 -32.25
C TRP D 310 -10.93 -2.21 -33.42
N VAL D 311 -10.44 -0.96 -33.43
CA VAL D 311 -10.85 -0.01 -34.46
C VAL D 311 -10.36 -0.45 -35.83
N LEU D 312 -9.11 -0.91 -35.93
CA LEU D 312 -8.57 -1.31 -37.23
C LEU D 312 -9.30 -2.54 -37.77
N VAL D 313 -9.62 -3.51 -36.91
CA VAL D 313 -10.37 -4.67 -37.38
C VAL D 313 -11.75 -4.25 -37.85
N THR D 314 -12.41 -3.34 -37.12
CA THR D 314 -13.72 -2.87 -37.56
C THR D 314 -13.63 -2.18 -38.91
N LEU D 315 -12.61 -1.34 -39.11
CA LEU D 315 -12.44 -0.66 -40.39
C LEU D 315 -12.18 -1.66 -41.51
N GLU D 316 -11.35 -2.66 -41.26
CA GLU D 316 -11.04 -3.63 -42.31
C GLU D 316 -12.22 -4.55 -42.61
N LEU D 317 -13.13 -4.72 -41.65
CA LEU D 317 -14.32 -5.54 -41.89
C LEU D 317 -15.49 -4.76 -42.44
N LEU D 318 -15.45 -3.43 -42.38
CA LEU D 318 -16.52 -2.62 -42.99
C LEU D 318 -16.80 -2.94 -44.45
N PRO D 319 -15.80 -3.15 -45.34
CA PRO D 319 -16.13 -3.44 -46.74
C PRO D 319 -16.91 -4.73 -46.97
N ILE D 320 -17.24 -5.47 -45.90
CA ILE D 320 -18.04 -6.68 -46.05
C ILE D 320 -19.53 -6.41 -46.03
N LEU D 321 -19.95 -5.20 -45.64
CA LEU D 321 -21.37 -4.89 -45.57
C LEU D 321 -22.10 -5.03 -46.90
N PRO D 322 -21.64 -4.43 -48.02
CA PRO D 322 -22.44 -4.49 -49.25
C PRO D 322 -22.50 -5.86 -49.87
N LEU D 323 -21.62 -6.79 -49.48
CA LEU D 323 -21.58 -8.10 -50.09
C LEU D 323 -22.56 -9.08 -49.46
N ILE D 324 -22.89 -8.91 -48.19
CA ILE D 324 -23.74 -9.85 -47.47
C ILE D 324 -25.18 -9.33 -47.44
N ASN D 325 -25.48 -8.35 -48.29
CA ASN D 325 -26.80 -7.77 -48.35
C ASN D 325 -27.81 -8.82 -48.83
N PRO D 326 -28.91 -9.05 -48.10
CA PRO D 326 -29.88 -10.05 -48.54
C PRO D 326 -30.58 -9.63 -49.82
N THR D 334 -33.54 -16.04 -45.60
CA THR D 334 -33.28 -15.60 -46.97
C THR D 334 -31.86 -15.04 -47.11
N CYS D 335 -31.09 -15.07 -46.03
CA CYS D 335 -29.70 -14.66 -46.03
C CYS D 335 -28.82 -15.91 -45.92
N ASN D 336 -27.84 -16.02 -46.80
CA ASN D 336 -26.96 -17.17 -46.87
C ASN D 336 -25.63 -16.86 -46.18
N ASP D 337 -24.72 -17.83 -46.24
CA ASP D 337 -23.38 -17.63 -45.71
C ASP D 337 -22.62 -16.64 -46.58
N TYR D 338 -21.52 -16.13 -46.04
CA TYR D 338 -20.76 -15.08 -46.73
C TYR D 338 -20.19 -15.60 -48.04
N ALA D 339 -19.63 -16.81 -48.04
CA ALA D 339 -18.87 -17.30 -49.18
C ALA D 339 -19.74 -17.66 -50.37
N SER D 340 -21.06 -17.73 -50.20
CA SER D 340 -21.97 -18.14 -51.27
C SER D 340 -22.89 -17.01 -51.72
N SER D 341 -22.58 -15.78 -51.36
CA SER D 341 -23.44 -14.63 -51.64
C SER D 341 -22.68 -13.59 -52.45
N GLY D 342 -23.36 -13.01 -53.43
CA GLY D 342 -22.79 -11.94 -54.23
C GLY D 342 -22.06 -12.44 -55.46
N ASP D 343 -21.51 -11.48 -56.19
CA ASP D 343 -20.71 -11.79 -57.37
C ASP D 343 -19.41 -12.46 -56.93
N PRO D 344 -19.00 -13.55 -57.58
CA PRO D 344 -17.76 -14.22 -57.17
C PRO D 344 -16.51 -13.38 -57.38
N ASN D 345 -16.59 -12.33 -58.20
CA ASN D 345 -15.39 -11.53 -58.48
C ASN D 345 -14.98 -10.71 -57.26
N TYR D 346 -15.88 -9.82 -56.80
CA TYR D 346 -15.59 -9.04 -55.60
C TYR D 346 -15.40 -9.95 -54.39
N ASN D 347 -16.17 -11.04 -54.32
CA ASN D 347 -15.98 -12.02 -53.25
C ASN D 347 -14.55 -12.55 -53.25
N LEU D 348 -14.05 -12.98 -54.41
CA LEU D 348 -12.70 -13.52 -54.48
C LEU D 348 -11.66 -12.46 -54.12
N ILE D 349 -11.84 -11.23 -54.61
CA ILE D 349 -10.87 -10.18 -54.33
C ILE D 349 -10.81 -9.92 -52.83
N TYR D 350 -11.96 -9.72 -52.19
CA TYR D 350 -11.97 -9.43 -50.76
C TYR D 350 -11.51 -10.62 -49.95
N SER D 351 -11.87 -11.83 -50.36
CA SER D 351 -11.44 -13.02 -49.63
C SER D 351 -9.93 -13.20 -49.67
N MET D 352 -9.33 -13.03 -50.84
CA MET D 352 -7.88 -13.12 -50.93
C MET D 352 -7.21 -12.02 -50.12
N CYS D 353 -7.73 -10.80 -50.20
CA CYS D 353 -7.15 -9.70 -49.44
C CYS D 353 -7.22 -9.96 -47.95
N LEU D 354 -8.36 -10.48 -47.47
CA LEU D 354 -8.52 -10.70 -46.04
C LEU D 354 -7.72 -11.91 -45.57
N THR D 355 -7.60 -12.95 -46.39
CA THR D 355 -6.77 -14.09 -46.02
C THR D 355 -5.31 -13.68 -45.93
N LEU D 356 -4.85 -12.81 -46.84
CA LEU D 356 -3.47 -12.35 -46.77
C LEU D 356 -3.22 -11.38 -45.62
N LEU D 357 -4.11 -10.40 -45.41
CA LEU D 357 -3.84 -9.34 -44.46
C LEU D 357 -4.38 -9.60 -43.06
N GLY D 358 -5.09 -10.70 -42.85
CA GLY D 358 -5.67 -10.95 -41.54
C GLY D 358 -5.28 -12.28 -40.93
N PHE D 359 -4.64 -13.14 -41.73
CA PHE D 359 -4.23 -14.45 -41.27
C PHE D 359 -2.73 -14.70 -41.40
N LEU D 360 -2.15 -14.45 -42.57
CA LEU D 360 -0.78 -14.89 -42.84
C LEU D 360 0.25 -14.06 -42.10
N ILE D 361 0.11 -12.72 -42.14
CA ILE D 361 1.08 -11.86 -41.46
C ILE D 361 1.12 -12.10 -39.97
N PRO D 362 -0.01 -12.12 -39.24
CA PRO D 362 0.06 -12.47 -37.81
C PRO D 362 0.65 -13.84 -37.55
N LEU D 363 0.37 -14.82 -38.40
CA LEU D 363 0.94 -16.15 -38.22
C LEU D 363 2.46 -16.11 -38.32
N PHE D 364 2.98 -15.39 -39.33
CA PHE D 364 4.43 -15.30 -39.49
C PHE D 364 5.08 -14.57 -38.32
N VAL D 365 4.46 -13.47 -37.86
CA VAL D 365 5.02 -12.76 -36.71
C VAL D 365 5.06 -13.65 -35.48
N MET D 366 3.97 -14.39 -35.25
CA MET D 366 3.91 -15.30 -34.10
C MET D 366 4.98 -16.36 -34.20
N CYS D 367 5.16 -16.95 -35.39
CA CYS D 367 6.16 -17.99 -35.56
C CYS D 367 7.56 -17.45 -35.29
N PHE D 368 7.86 -16.25 -35.80
CA PHE D 368 9.16 -15.65 -35.57
C PHE D 368 9.44 -15.45 -34.08
N PHE D 369 8.49 -14.83 -33.37
CA PHE D 369 8.74 -14.52 -31.96
C PHE D 369 8.79 -15.79 -31.10
N TYR D 370 7.94 -16.77 -31.37
CA TYR D 370 8.01 -18.02 -30.63
C TYR D 370 9.29 -18.79 -30.96
N TYR D 371 9.82 -18.64 -32.18
CA TYR D 371 11.13 -19.22 -32.49
C TYR D 371 12.22 -18.60 -31.64
N LYS D 372 12.21 -17.27 -31.50
CA LYS D 372 13.19 -16.63 -30.62
C LYS D 372 13.06 -17.13 -29.19
N ILE D 373 11.84 -17.25 -28.69
CA ILE D 373 11.64 -17.75 -27.33
C ILE D 373 12.19 -19.16 -27.19
N ALA D 374 11.93 -20.02 -28.18
CA ALA D 374 12.42 -21.39 -28.12
C ALA D 374 13.94 -21.44 -28.10
N LEU D 375 14.60 -20.60 -28.91
CA LEU D 375 16.06 -20.57 -28.91
C LEU D 375 16.59 -20.16 -27.54
N PHE D 376 16.01 -19.11 -26.95
CA PHE D 376 16.45 -18.67 -25.62
C PHE D 376 16.28 -19.80 -24.60
N LEU D 377 15.12 -20.45 -24.60
CA LEU D 377 14.85 -21.47 -23.60
C LEU D 377 15.70 -22.72 -23.81
N LYS D 378 16.11 -23.00 -25.04
CA LYS D 378 17.03 -24.11 -25.28
C LYS D 378 18.42 -23.78 -24.75
N GLN D 379 18.91 -22.57 -25.05
CA GLN D 379 20.24 -22.19 -24.58
C GLN D 379 20.31 -22.15 -23.06
N ARG D 380 19.26 -21.63 -22.41
CA ARG D 380 19.26 -21.52 -20.96
C ARG D 380 19.34 -22.88 -20.29
N ASN D 381 18.58 -23.87 -20.80
CA ASN D 381 18.65 -25.20 -20.22
C ASN D 381 19.96 -25.90 -20.58
N ARG D 382 20.55 -25.57 -21.73
CA ARG D 382 21.83 -26.17 -22.11
C ARG D 382 23.00 -25.58 -21.34
N GLN D 383 22.85 -24.40 -20.73
CA GLN D 383 23.94 -23.75 -20.03
C GLN D 383 23.93 -24.01 -18.52
N LEU D 384 23.04 -24.88 -18.02
CA LEU D 384 22.99 -25.14 -16.59
C LEU D 384 22.37 -26.51 -16.36
N ALA D 385 22.56 -27.04 -15.15
CA ALA D 385 22.02 -28.33 -14.78
C ALA D 385 20.67 -28.19 -14.07
N THR D 386 20.67 -27.54 -12.89
CA THR D 386 19.48 -27.33 -12.08
C THR D 386 18.61 -28.57 -12.01
N ALA D 387 17.29 -28.39 -12.10
CA ALA D 387 16.37 -29.49 -12.26
C ALA D 387 16.06 -29.79 -13.72
N LEU D 388 16.67 -29.04 -14.65
CA LEU D 388 16.36 -29.11 -16.06
C LEU D 388 14.85 -29.13 -16.34
N PRO D 389 14.09 -28.17 -15.82
CA PRO D 389 12.63 -28.21 -15.97
C PRO D 389 12.09 -27.40 -17.13
N LEU D 390 12.93 -26.65 -17.83
CA LEU D 390 12.47 -25.73 -18.87
C LEU D 390 12.08 -26.42 -20.16
N GLU D 391 11.88 -27.74 -20.13
CA GLU D 391 11.31 -28.42 -21.30
C GLU D 391 9.81 -28.20 -21.38
N LYS D 392 9.14 -28.04 -20.24
CA LYS D 392 7.69 -27.85 -20.25
C LYS D 392 7.25 -26.55 -20.93
N PRO D 393 7.82 -25.38 -20.60
CA PRO D 393 7.46 -24.18 -21.38
C PRO D 393 7.83 -24.30 -22.84
N LEU D 394 8.89 -25.04 -23.17
CA LEU D 394 9.22 -25.28 -24.57
C LEU D 394 8.14 -26.10 -25.26
N ASN D 395 7.57 -27.09 -24.56
CA ASN D 395 6.45 -27.84 -25.11
C ASN D 395 5.25 -26.94 -25.33
N LEU D 396 4.95 -26.08 -24.35
CA LEU D 396 3.80 -25.18 -24.49
C LEU D 396 3.98 -24.20 -25.63
N VAL D 397 5.21 -23.74 -25.86
CA VAL D 397 5.48 -22.83 -26.96
C VAL D 397 5.12 -23.48 -28.30
N ILE D 398 5.51 -24.74 -28.50
CA ILE D 398 5.19 -25.44 -29.73
C ILE D 398 3.70 -25.74 -29.84
N MET D 399 3.03 -26.07 -28.74
CA MET D 399 1.60 -26.32 -28.78
C MET D 399 0.84 -25.07 -29.19
N ALA D 400 1.24 -23.91 -28.65
CA ALA D 400 0.58 -22.66 -28.99
C ALA D 400 0.62 -22.37 -30.48
N VAL D 401 1.69 -22.79 -31.16
CA VAL D 401 1.84 -22.60 -32.59
C VAL D 401 1.10 -23.66 -33.39
N VAL D 402 1.12 -24.92 -32.93
CA VAL D 402 0.50 -26.03 -33.63
C VAL D 402 -1.02 -25.90 -33.66
N ILE D 403 -1.63 -25.56 -32.51
CA ILE D 403 -3.09 -25.48 -32.44
C ILE D 403 -3.62 -24.41 -33.37
N PHE D 404 -3.04 -23.21 -33.32
CA PHE D 404 -3.48 -22.09 -34.14
C PHE D 404 -3.48 -22.47 -35.62
N SER D 405 -2.36 -22.98 -36.12
CA SER D 405 -2.25 -23.32 -37.52
C SER D 405 -3.20 -24.45 -37.91
N VAL D 406 -3.25 -25.51 -37.10
CA VAL D 406 -4.06 -26.68 -37.44
C VAL D 406 -5.52 -26.30 -37.54
N LEU D 407 -6.00 -25.44 -36.64
CA LEU D 407 -7.43 -25.12 -36.67
C LEU D 407 -7.76 -24.00 -37.66
N PHE D 408 -6.80 -23.13 -38.00
CA PHE D 408 -7.16 -21.98 -38.81
C PHE D 408 -6.88 -22.18 -40.29
N THR D 409 -5.82 -22.91 -40.65
CA THR D 409 -5.45 -22.99 -42.06
C THR D 409 -6.51 -23.65 -42.95
N PRO D 410 -7.05 -24.83 -42.63
CA PRO D 410 -7.99 -25.47 -43.56
C PRO D 410 -9.22 -24.63 -43.84
N TYR D 411 -9.71 -23.89 -42.84
CA TYR D 411 -10.87 -23.03 -43.06
C TYR D 411 -10.60 -22.02 -44.17
N HIS D 412 -9.46 -21.32 -44.10
CA HIS D 412 -9.15 -20.33 -45.11
C HIS D 412 -8.94 -20.96 -46.48
N VAL D 413 -8.23 -22.10 -46.51
CA VAL D 413 -7.98 -22.75 -47.80
C VAL D 413 -9.31 -23.12 -48.46
N MET D 414 -10.19 -23.79 -47.71
CA MET D 414 -11.47 -24.22 -48.25
C MET D 414 -12.37 -23.05 -48.61
N ARG D 415 -12.39 -21.98 -47.80
CA ARG D 415 -13.20 -20.83 -48.15
C ARG D 415 -12.76 -20.20 -49.46
N ASN D 416 -11.45 -19.98 -49.63
CA ASN D 416 -10.97 -19.39 -50.86
C ASN D 416 -11.23 -20.27 -52.07
N VAL D 417 -11.01 -21.58 -51.94
CA VAL D 417 -11.25 -22.46 -53.08
C VAL D 417 -12.75 -22.55 -53.40
N ARG D 418 -13.61 -22.48 -52.38
CA ARG D 418 -15.05 -22.51 -52.61
C ARG D 418 -15.51 -21.26 -53.34
N ILE D 419 -15.02 -20.09 -52.93
CA ILE D 419 -15.37 -18.86 -53.63
C ILE D 419 -14.85 -18.89 -55.07
N ALA D 420 -13.64 -19.39 -55.27
CA ALA D 420 -13.09 -19.47 -56.61
C ALA D 420 -13.82 -20.49 -57.48
N SER D 421 -14.51 -21.46 -56.85
CA SER D 421 -15.23 -22.46 -57.61
C SER D 421 -16.41 -21.86 -58.37
N ARG D 422 -17.09 -20.87 -57.77
CA ARG D 422 -18.26 -20.29 -58.40
C ARG D 422 -17.95 -19.50 -59.66
N LEU D 423 -16.67 -19.24 -59.92
CA LEU D 423 -16.29 -18.35 -61.01
C LEU D 423 -16.72 -18.91 -62.36
N GLY D 424 -17.16 -18.01 -63.25
CA GLY D 424 -17.60 -18.43 -64.56
C GLY D 424 -16.47 -19.02 -65.40
N SER D 425 -15.26 -18.48 -65.25
CA SER D 425 -14.11 -19.03 -65.97
C SER D 425 -13.87 -20.48 -65.60
N TRP D 426 -13.92 -20.79 -64.30
CA TRP D 426 -13.87 -22.18 -63.83
C TRP D 426 -15.29 -22.75 -63.84
N LYS D 427 -15.75 -23.05 -65.06
CA LYS D 427 -17.08 -23.65 -65.25
C LYS D 427 -16.91 -25.17 -65.31
N GLN D 428 -16.86 -25.78 -64.13
CA GLN D 428 -16.73 -27.24 -64.06
C GLN D 428 -17.93 -27.93 -64.69
N TYR D 429 -19.14 -27.46 -64.39
CA TYR D 429 -20.37 -28.00 -64.97
C TYR D 429 -20.48 -29.51 -64.72
N GLN D 430 -20.11 -29.93 -63.52
CA GLN D 430 -20.18 -31.33 -63.12
C GLN D 430 -20.55 -31.40 -61.65
N CYS D 431 -20.51 -32.61 -61.10
CA CYS D 431 -20.81 -32.80 -59.68
C CYS D 431 -19.74 -32.20 -58.78
N THR D 432 -18.57 -31.88 -59.33
CA THR D 432 -17.48 -31.33 -58.52
C THR D 432 -17.87 -30.03 -57.82
N GLN D 433 -18.87 -29.32 -58.34
CA GLN D 433 -19.33 -28.11 -57.67
C GLN D 433 -19.92 -28.44 -56.30
N VAL D 434 -20.66 -29.53 -56.18
CA VAL D 434 -21.27 -29.88 -54.90
C VAL D 434 -20.21 -30.34 -53.91
N VAL D 435 -19.31 -31.23 -54.33
CA VAL D 435 -18.43 -31.90 -53.40
C VAL D 435 -17.55 -30.90 -52.66
N ILE D 436 -16.95 -29.96 -53.38
CA ILE D 436 -16.11 -28.95 -52.75
C ILE D 436 -16.90 -28.18 -51.70
N ASN D 437 -18.17 -27.87 -52.01
CA ASN D 437 -19.00 -27.17 -51.05
C ASN D 437 -19.07 -27.94 -49.74
N SER D 438 -19.29 -29.25 -49.81
CA SER D 438 -19.32 -30.05 -48.60
C SER D 438 -18.00 -29.96 -47.85
N PHE D 439 -16.89 -30.01 -48.58
CA PHE D 439 -15.57 -29.92 -47.95
C PHE D 439 -15.36 -28.59 -47.28
N TYR D 440 -16.16 -27.58 -47.61
CA TYR D 440 -16.08 -26.30 -46.92
C TYR D 440 -16.98 -26.24 -45.69
N ILE D 441 -18.07 -27.02 -45.67
CA ILE D 441 -18.95 -26.98 -44.51
C ILE D 441 -18.26 -27.59 -43.29
N VAL D 442 -17.61 -28.74 -43.47
CA VAL D 442 -17.03 -29.47 -42.34
C VAL D 442 -15.95 -28.64 -41.65
N THR D 443 -15.15 -27.92 -42.42
CA THR D 443 -14.09 -27.09 -41.85
C THR D 443 -14.62 -25.87 -41.12
N ARG D 444 -15.90 -25.52 -41.29
CA ARG D 444 -16.39 -24.28 -40.70
C ARG D 444 -16.48 -24.33 -39.17
N PRO D 445 -17.12 -25.33 -38.56
CA PRO D 445 -17.26 -25.26 -37.09
C PRO D 445 -15.97 -25.48 -36.34
N LEU D 446 -15.09 -26.37 -36.82
CA LEU D 446 -13.86 -26.66 -36.10
C LEU D 446 -12.97 -25.43 -35.99
N ALA D 447 -13.02 -24.54 -36.98
CA ALA D 447 -12.25 -23.31 -36.91
C ALA D 447 -12.70 -22.44 -35.75
N PHE D 448 -13.96 -22.55 -35.34
CA PHE D 448 -14.46 -21.81 -34.19
C PHE D 448 -14.04 -22.45 -32.88
N LEU D 449 -13.48 -23.67 -32.93
CA LEU D 449 -13.05 -24.38 -31.73
C LEU D 449 -12.03 -23.59 -30.93
N ASN D 450 -11.28 -22.71 -31.58
CA ASN D 450 -10.19 -21.97 -30.91
C ASN D 450 -10.74 -21.08 -29.79
N SER D 451 -12.04 -20.85 -29.74
CA SER D 451 -12.62 -19.95 -28.72
C SER D 451 -13.07 -20.75 -27.50
N VAL D 452 -13.06 -22.08 -27.63
CA VAL D 452 -13.40 -22.97 -26.48
C VAL D 452 -12.09 -23.54 -25.91
N ILE D 453 -11.09 -23.79 -26.76
CA ILE D 453 -9.80 -24.28 -26.29
C ILE D 453 -9.05 -23.17 -25.55
N ASN D 454 -9.21 -21.93 -25.98
CA ASN D 454 -8.41 -20.83 -25.45
C ASN D 454 -8.54 -20.64 -23.95
N PRO D 455 -9.74 -20.60 -23.34
CA PRO D 455 -9.79 -20.38 -21.89
C PRO D 455 -9.09 -21.45 -21.08
N VAL D 456 -9.15 -22.70 -21.50
CA VAL D 456 -8.47 -23.77 -20.77
C VAL D 456 -6.96 -23.67 -20.96
N PHE D 457 -6.52 -23.41 -22.19
CA PHE D 457 -5.10 -23.46 -22.51
C PHE D 457 -4.33 -22.27 -21.96
N TYR D 458 -4.92 -21.07 -22.04
CA TYR D 458 -4.20 -19.86 -21.67
C TYR D 458 -4.43 -19.42 -20.23
N PHE D 459 -5.49 -19.91 -19.58
CA PHE D 459 -5.80 -19.51 -18.22
C PHE D 459 -5.82 -20.68 -17.24
N LEU D 460 -6.58 -21.73 -17.53
CA LEU D 460 -6.85 -22.77 -16.55
C LEU D 460 -5.67 -23.70 -16.32
N LEU D 461 -4.80 -23.86 -17.31
CA LEU D 461 -3.63 -24.72 -17.14
C LEU D 461 -2.58 -24.08 -16.25
N GLY D 462 -2.70 -22.80 -15.91
CA GLY D 462 -1.74 -22.15 -15.05
C GLY D 462 -2.01 -22.47 -13.59
N ASP D 463 -0.93 -22.63 -12.82
CA ASP D 463 -1.09 -22.97 -11.41
C ASP D 463 -1.53 -21.77 -10.59
N HIS D 464 -0.99 -20.58 -10.87
CA HIS D 464 -1.30 -19.41 -10.08
C HIS D 464 -2.76 -19.00 -10.24
N PHE D 465 -3.28 -19.02 -11.47
CA PHE D 465 -4.68 -18.69 -11.69
C PHE D 465 -5.60 -19.67 -10.98
N ARG D 466 -5.29 -20.97 -11.06
CA ARG D 466 -6.09 -21.97 -10.38
C ARG D 466 -6.06 -21.78 -8.87
N GLU D 467 -4.89 -21.49 -8.31
CA GLU D 467 -4.78 -21.27 -6.87
C GLU D 467 -5.53 -20.01 -6.44
N MET D 468 -5.45 -18.95 -7.25
CA MET D 468 -6.17 -17.72 -6.91
C MET D 468 -7.68 -17.94 -6.95
N LEU D 469 -8.16 -18.73 -7.92
CA LEU D 469 -9.59 -19.05 -7.94
C LEU D 469 -9.96 -19.94 -6.75
N MET D 470 -9.09 -20.88 -6.37
CA MET D 470 -9.37 -21.74 -5.23
C MET D 470 -9.46 -20.94 -3.94
N ASN D 471 -8.60 -19.93 -3.79
CA ASN D 471 -8.65 -19.10 -2.59
C ASN D 471 -9.97 -18.33 -2.50
N LYS D 472 -10.45 -17.80 -3.63
CA LYS D 472 -11.74 -17.13 -3.62
C LYS D 472 -12.87 -18.13 -3.34
N LEU D 473 -12.72 -19.36 -3.83
CA LEU D 473 -13.71 -20.39 -3.53
C LEU D 473 -13.75 -20.69 -2.03
N ARG D 474 -12.58 -20.71 -1.38
CA ARG D 474 -12.54 -20.91 0.06
C ARG D 474 -13.21 -19.77 0.80
N HIS D 475 -13.00 -18.55 0.35
CA HIS D 475 -13.63 -17.38 0.97
C HIS D 475 -15.10 -17.26 0.55
N ASP E 21 17.86 31.80 7.27
CA ASP E 21 16.49 32.26 7.46
C ASP E 21 15.78 32.39 6.12
N VAL E 22 14.45 32.52 6.17
CA VAL E 22 13.68 32.68 4.94
C VAL E 22 13.96 34.04 4.34
N GLN E 23 14.31 34.05 3.06
CA GLN E 23 14.59 35.30 2.35
C GLN E 23 14.03 35.23 0.93
N LEU E 24 13.41 36.33 0.52
CA LEU E 24 13.02 36.54 -0.87
C LEU E 24 13.56 37.90 -1.29
N VAL E 25 14.35 37.93 -2.35
CA VAL E 25 15.01 39.16 -2.80
C VAL E 25 14.55 39.44 -4.23
N GLU E 26 14.26 40.71 -4.52
CA GLU E 26 13.64 41.13 -5.76
C GLU E 26 14.60 41.98 -6.57
N SER E 27 14.49 41.88 -7.90
CA SER E 27 15.32 42.69 -8.78
C SER E 27 14.61 42.88 -10.11
N GLY E 28 15.04 43.90 -10.84
CA GLY E 28 14.51 44.17 -12.16
C GLY E 28 13.69 45.44 -12.30
N GLY E 29 13.63 46.28 -11.28
CA GLY E 29 12.87 47.50 -11.34
C GLY E 29 13.63 48.60 -12.07
N GLY E 30 13.02 49.79 -12.08
CA GLY E 30 13.66 50.93 -12.70
C GLY E 30 12.70 51.68 -13.58
N LEU E 31 13.27 52.47 -14.50
CA LEU E 31 12.53 53.38 -15.35
C LEU E 31 12.32 52.75 -16.72
N VAL E 32 11.09 52.80 -17.23
CA VAL E 32 10.74 52.20 -18.51
C VAL E 32 9.81 53.13 -19.28
N GLN E 33 10.08 53.27 -20.61
CA GLN E 33 9.25 54.07 -21.50
C GLN E 33 7.97 53.29 -21.87
N PRO E 34 6.86 54.00 -22.09
CA PRO E 34 5.60 53.31 -22.38
C PRO E 34 5.70 52.44 -23.61
N GLY E 35 5.07 51.28 -23.54
CA GLY E 35 5.11 50.30 -24.61
C GLY E 35 6.31 49.38 -24.58
N GLY E 36 7.23 49.57 -23.64
CA GLY E 36 8.40 48.73 -23.54
C GLY E 36 8.11 47.42 -22.86
N SER E 37 9.19 46.70 -22.53
CA SER E 37 9.08 45.41 -21.86
C SER E 37 10.11 45.35 -20.74
N ARG E 38 9.83 44.49 -19.76
CA ARG E 38 10.71 44.33 -18.62
C ARG E 38 10.55 42.92 -18.06
N LYS E 39 11.55 42.49 -17.31
CA LYS E 39 11.55 41.21 -16.61
C LYS E 39 11.94 41.43 -15.16
N LEU E 40 11.12 40.91 -14.24
CA LEU E 40 11.38 40.98 -12.81
C LEU E 40 11.74 39.60 -12.29
N SER E 41 12.73 39.56 -11.40
CA SER E 41 13.23 38.32 -10.83
C SER E 41 13.08 38.33 -9.31
N CYS E 42 12.84 37.15 -8.76
CA CYS E 42 12.64 36.95 -7.32
C CYS E 42 13.40 35.70 -6.93
N SER E 43 14.46 35.85 -6.15
CA SER E 43 15.31 34.73 -5.73
C SER E 43 15.03 34.39 -4.27
N ALA E 44 14.87 33.09 -4.01
CA ALA E 44 14.48 32.59 -2.70
C ALA E 44 15.61 31.80 -2.05
N SER E 45 15.67 31.89 -0.73
CA SER E 45 16.65 31.12 0.03
C SER E 45 16.11 30.81 1.41
N GLY E 46 16.54 29.68 1.97
CA GLY E 46 16.23 29.33 3.33
C GLY E 46 15.00 28.47 3.54
N PHE E 47 14.35 28.00 2.47
CA PHE E 47 13.16 27.18 2.62
C PHE E 47 12.99 26.33 1.38
N ALA E 48 12.10 25.34 1.48
CA ALA E 48 11.84 24.40 0.40
C ALA E 48 11.02 25.08 -0.70
N PHE E 49 11.72 25.75 -1.61
CA PHE E 49 11.05 26.62 -2.58
C PHE E 49 10.09 25.85 -3.47
N SER E 50 10.45 24.64 -3.88
CA SER E 50 9.69 23.92 -4.87
C SER E 50 8.31 23.49 -4.38
N SER E 51 8.08 23.50 -3.07
CA SER E 51 6.82 23.02 -2.51
C SER E 51 5.84 24.12 -2.17
N PHE E 52 6.15 25.37 -2.50
CA PHE E 52 5.27 26.51 -2.25
C PHE E 52 4.74 27.06 -3.56
N GLY E 53 3.47 27.44 -3.58
CA GLY E 53 2.95 28.29 -4.64
C GLY E 53 3.32 29.73 -4.40
N MET E 54 3.38 30.51 -5.48
CA MET E 54 3.91 31.87 -5.36
C MET E 54 2.98 32.87 -6.03
N HIS E 55 2.97 34.09 -5.50
CA HIS E 55 2.13 35.19 -5.95
C HIS E 55 2.96 36.42 -6.21
N TRP E 56 2.54 37.20 -7.20
CA TRP E 56 3.02 38.57 -7.39
C TRP E 56 1.89 39.51 -7.01
N VAL E 57 2.19 40.46 -6.12
CA VAL E 57 1.25 41.49 -5.69
C VAL E 57 1.93 42.84 -5.92
N ARG E 58 1.13 43.90 -6.08
CA ARG E 58 1.73 45.20 -6.33
C ARG E 58 0.99 46.28 -5.55
N GLN E 59 1.67 47.41 -5.37
CA GLN E 59 1.13 48.55 -4.66
C GLN E 59 1.52 49.82 -5.40
N ALA E 60 0.52 50.56 -5.88
CA ALA E 60 0.75 51.81 -6.57
C ALA E 60 1.19 52.87 -5.56
N PRO E 61 1.85 53.94 -6.03
CA PRO E 61 2.29 54.99 -5.11
C PRO E 61 1.16 55.61 -4.31
N GLU E 62 1.26 55.56 -2.98
CA GLU E 62 0.25 56.11 -2.08
C GLU E 62 -1.12 55.48 -2.31
N LYS E 63 -1.12 54.16 -2.47
CA LYS E 63 -2.36 53.41 -2.69
C LYS E 63 -2.28 52.10 -1.91
N GLY E 64 -3.24 51.21 -2.16
CA GLY E 64 -3.32 49.95 -1.46
C GLY E 64 -2.85 48.77 -2.30
N LEU E 65 -2.93 47.59 -1.71
CA LEU E 65 -2.45 46.38 -2.33
C LEU E 65 -3.39 45.94 -3.46
N GLU E 66 -2.84 45.15 -4.39
CA GLU E 66 -3.60 44.69 -5.55
C GLU E 66 -2.94 43.42 -6.08
N TRP E 67 -3.65 42.30 -6.01
CA TRP E 67 -3.13 41.03 -6.49
C TRP E 67 -2.90 41.06 -7.99
N VAL E 68 -1.79 40.47 -8.43
CA VAL E 68 -1.41 40.44 -9.85
C VAL E 68 -1.47 39.02 -10.41
N ALA E 69 -0.68 38.10 -9.88
CA ALA E 69 -0.57 36.81 -10.56
C ALA E 69 -0.23 35.69 -9.57
N TYR E 70 -0.53 34.46 -9.99
CA TYR E 70 -0.31 33.28 -9.15
C TYR E 70 0.19 32.11 -9.98
N ILE E 71 1.23 31.44 -9.50
CA ILE E 71 1.72 30.19 -10.09
C ILE E 71 1.76 29.12 -9.01
N SER E 72 1.20 27.95 -9.32
CA SER E 72 1.05 26.90 -8.32
C SER E 72 2.34 26.12 -8.15
N SER E 73 2.33 25.20 -7.19
CA SER E 73 3.47 24.32 -6.95
C SER E 73 3.53 23.24 -8.01
N GLY E 74 4.65 23.15 -8.71
CA GLY E 74 4.74 22.33 -9.89
C GLY E 74 4.29 22.99 -11.17
N SER E 75 3.91 24.27 -11.10
CA SER E 75 3.50 25.06 -12.28
C SER E 75 2.41 24.36 -13.08
N GLY E 76 1.46 23.77 -12.38
CA GLY E 76 0.34 23.12 -13.04
C GLY E 76 -0.88 24.01 -13.17
N THR E 77 -0.89 25.12 -12.44
CA THR E 77 -2.00 26.06 -12.45
C THR E 77 -1.44 27.47 -12.45
N ILE E 78 -2.06 28.35 -13.24
CA ILE E 78 -1.65 29.74 -13.36
C ILE E 78 -2.90 30.61 -13.36
N TYR E 79 -2.84 31.75 -12.66
CA TYR E 79 -3.92 32.71 -12.66
C TYR E 79 -3.38 34.12 -12.84
N TYR E 80 -4.13 34.95 -13.56
CA TYR E 80 -3.80 36.35 -13.78
C TYR E 80 -4.99 37.22 -13.39
N ALA E 81 -4.70 38.46 -13.05
CA ALA E 81 -5.74 39.47 -12.89
C ALA E 81 -6.24 39.92 -14.26
N ASP E 82 -7.50 40.37 -14.30
CA ASP E 82 -8.12 40.76 -15.56
C ASP E 82 -7.45 41.97 -16.20
N THR E 83 -6.77 42.80 -15.41
CA THR E 83 -6.19 44.03 -15.93
C THR E 83 -4.82 43.83 -16.54
N VAL E 84 -4.23 42.64 -16.42
CA VAL E 84 -2.90 42.37 -16.98
C VAL E 84 -2.88 41.14 -17.88
N LYS E 85 -4.03 40.51 -18.13
CA LYS E 85 -4.05 39.31 -18.95
C LYS E 85 -3.70 39.64 -20.40
N GLY E 86 -2.79 38.87 -20.97
CA GLY E 86 -2.33 39.07 -22.32
C GLY E 86 -1.02 39.83 -22.44
N ARG E 87 -0.63 40.57 -21.40
CA ARG E 87 0.63 41.29 -21.41
C ARG E 87 1.63 40.80 -20.39
N PHE E 88 1.20 40.06 -19.38
CA PHE E 88 2.06 39.60 -18.30
C PHE E 88 2.17 38.08 -18.35
N THR E 89 3.36 37.56 -18.02
CA THR E 89 3.58 36.13 -17.95
C THR E 89 4.38 35.81 -16.69
N ILE E 90 3.93 34.82 -15.93
CA ILE E 90 4.59 34.41 -14.70
C ILE E 90 5.20 33.03 -14.92
N SER E 91 6.40 32.82 -14.41
CA SER E 91 7.07 31.54 -14.57
C SER E 91 7.98 31.29 -13.38
N ARG E 92 8.37 30.04 -13.20
CA ARG E 92 9.28 29.67 -12.12
C ARG E 92 10.34 28.73 -12.64
N ASP E 93 11.50 28.75 -11.99
CA ASP E 93 12.62 27.87 -12.31
C ASP E 93 13.09 27.28 -10.98
N ASP E 94 12.73 26.01 -10.74
CA ASP E 94 12.94 25.42 -9.42
C ASP E 94 14.39 25.02 -9.17
N PRO E 95 15.15 24.48 -10.14
CA PRO E 95 16.56 24.17 -9.86
C PRO E 95 17.36 25.35 -9.34
N LYS E 96 17.12 26.56 -9.86
CA LYS E 96 17.84 27.74 -9.38
C LYS E 96 17.05 28.54 -8.35
N ASN E 97 15.83 28.11 -8.01
CA ASN E 97 15.01 28.75 -6.99
C ASN E 97 14.68 30.20 -7.36
N THR E 98 14.08 30.38 -8.53
CA THR E 98 13.80 31.72 -9.02
C THR E 98 12.38 31.82 -9.56
N LEU E 99 11.82 33.03 -9.47
CA LEU E 99 10.48 33.34 -9.99
C LEU E 99 10.58 34.56 -10.89
N PHE E 100 9.96 34.49 -12.06
CA PHE E 100 10.07 35.53 -13.07
C PHE E 100 8.70 36.07 -13.44
N LEU E 101 8.65 37.38 -13.70
CA LEU E 101 7.49 38.03 -14.28
C LEU E 101 7.94 38.84 -15.50
N GLN E 102 7.50 38.44 -16.69
CA GLN E 102 7.84 39.12 -17.93
C GLN E 102 6.63 39.91 -18.40
N MET E 103 6.80 41.22 -18.56
CA MET E 103 5.69 42.10 -18.87
C MET E 103 6.01 42.97 -20.07
N THR E 104 5.03 43.13 -20.95
CA THR E 104 5.18 43.83 -22.22
C THR E 104 4.12 44.91 -22.33
N SER E 105 4.41 45.89 -23.19
CA SER E 105 3.50 47.00 -23.50
C SER E 105 3.01 47.68 -22.22
N LEU E 106 3.96 48.26 -21.50
CA LEU E 106 3.70 48.79 -20.16
C LEU E 106 3.04 50.16 -20.25
N ARG E 107 1.82 50.25 -19.72
CA ARG E 107 1.09 51.51 -19.67
C ARG E 107 1.54 52.33 -18.47
N SER E 108 0.98 53.53 -18.33
CA SER E 108 1.37 54.43 -17.25
C SER E 108 0.74 54.05 -15.91
N GLU E 109 -0.22 53.13 -15.90
CA GLU E 109 -0.86 52.70 -14.67
C GLU E 109 -0.17 51.51 -14.02
N ASP E 110 0.98 51.09 -14.54
CA ASP E 110 1.74 49.99 -13.98
C ASP E 110 2.89 50.43 -13.09
N THR E 111 3.06 51.73 -12.88
CA THR E 111 4.08 52.23 -11.96
C THR E 111 3.72 51.84 -10.54
N ALA E 112 4.55 51.01 -9.92
CA ALA E 112 4.18 50.46 -8.62
C ALA E 112 5.40 49.75 -8.02
N MET E 113 5.23 49.34 -6.76
CA MET E 113 6.20 48.47 -6.09
C MET E 113 5.65 47.05 -6.05
N TYR E 114 6.47 46.08 -6.45
CA TYR E 114 6.04 44.71 -6.61
C TYR E 114 6.62 43.83 -5.51
N TYR E 115 5.81 42.88 -5.05
CA TYR E 115 6.12 42.00 -3.93
C TYR E 115 5.95 40.54 -4.35
N CYS E 116 6.89 39.72 -3.88
CA CYS E 116 6.91 38.28 -4.09
C CYS E 116 6.39 37.64 -2.81
N VAL E 117 5.36 36.80 -2.92
CA VAL E 117 4.70 36.21 -1.76
C VAL E 117 4.65 34.70 -1.91
N ARG E 118 4.95 33.98 -0.82
CA ARG E 118 4.89 32.53 -0.81
C ARG E 118 3.64 32.05 -0.06
N SER E 119 3.13 30.90 -0.48
CA SER E 119 1.93 30.36 0.16
C SER E 119 1.84 28.86 -0.11
N ILE E 120 1.45 28.11 0.92
CA ILE E 120 1.36 26.65 0.85
C ILE E 120 -0.03 26.23 1.30
N TYR E 121 -0.58 25.19 0.67
CA TYR E 121 -1.98 24.83 0.84
C TYR E 121 -2.10 23.35 1.20
N TYR E 122 -2.47 23.08 2.46
CA TYR E 122 -2.93 21.79 2.90
C TYR E 122 -3.79 22.01 4.14
N TYR E 123 -4.35 20.93 4.67
CA TYR E 123 -5.24 21.04 5.82
C TYR E 123 -4.52 21.60 7.04
N GLY E 124 -4.85 22.83 7.42
CA GLY E 124 -4.27 23.46 8.60
C GLY E 124 -3.14 24.41 8.35
N SER E 125 -2.78 24.68 7.09
CA SER E 125 -1.66 25.55 6.78
C SER E 125 -2.08 27.02 6.87
N SER E 126 -1.09 27.90 6.70
CA SER E 126 -1.29 29.35 6.74
C SER E 126 -0.68 29.98 5.51
N PRO E 127 -1.48 30.24 4.48
CA PRO E 127 -0.95 30.89 3.28
C PRO E 127 -0.60 32.35 3.51
N PHE E 128 0.16 32.90 2.56
CA PHE E 128 0.49 34.33 2.52
C PHE E 128 1.29 34.77 3.74
N ASP E 129 2.12 33.88 4.27
CA ASP E 129 2.77 34.13 5.56
C ASP E 129 4.17 34.72 5.45
N PHE E 130 4.70 34.94 4.25
CA PHE E 130 5.96 35.63 4.11
C PHE E 130 5.95 36.46 2.84
N TRP E 131 6.40 37.71 2.96
CA TRP E 131 6.43 38.65 1.86
C TRP E 131 7.85 39.12 1.61
N GLY E 132 8.16 39.38 0.34
CA GLY E 132 9.47 39.90 -0.03
C GLY E 132 9.58 41.39 0.26
N GLN E 133 10.72 41.95 -0.14
CA GLN E 133 10.97 43.37 0.13
C GLN E 133 10.42 44.27 -0.96
N GLY E 134 10.26 43.76 -2.17
CA GLY E 134 9.65 44.52 -3.25
C GLY E 134 10.66 45.30 -4.07
N THR E 135 10.31 45.52 -5.33
CA THR E 135 11.12 46.32 -6.24
C THR E 135 10.22 47.32 -6.96
N THR E 136 10.77 48.49 -7.26
CA THR E 136 9.98 49.59 -7.80
C THR E 136 10.08 49.61 -9.33
N LEU E 137 8.99 50.01 -9.96
CA LEU E 137 8.92 50.16 -11.41
C LEU E 137 8.20 51.46 -11.73
N THR E 138 8.89 52.36 -12.43
CA THR E 138 8.34 53.65 -12.84
C THR E 138 8.26 53.70 -14.35
N VAL E 139 7.08 54.04 -14.88
CA VAL E 139 6.86 54.17 -16.30
C VAL E 139 6.68 55.65 -16.63
N SER E 140 7.43 56.13 -17.61
CA SER E 140 7.43 57.54 -17.95
C SER E 140 6.09 57.95 -18.57
N SER E 141 5.90 59.25 -18.71
CA SER E 141 4.68 59.79 -19.28
C SER E 141 4.73 59.80 -20.80
N GLY E 155 -16.34 43.09 -12.65
CA GLY E 155 -17.20 42.05 -13.18
C GLY E 155 -17.29 40.83 -12.28
N SER E 156 -18.26 40.85 -11.38
CA SER E 156 -18.55 39.78 -10.41
C SER E 156 -17.43 39.59 -9.40
N ASP E 157 -16.48 40.51 -9.30
CA ASP E 157 -15.45 40.42 -8.28
C ASP E 157 -16.01 40.83 -6.93
N ILE E 158 -15.59 40.12 -5.88
CA ILE E 158 -16.07 40.41 -4.53
C ILE E 158 -15.51 41.74 -4.07
N VAL E 159 -16.38 42.62 -3.60
CA VAL E 159 -16.01 43.95 -3.16
C VAL E 159 -15.82 43.92 -1.65
N MET E 160 -14.66 44.35 -1.19
CA MET E 160 -14.32 44.34 0.22
C MET E 160 -14.22 45.79 0.71
N THR E 161 -14.99 46.12 1.73
CA THR E 161 -15.17 47.51 2.13
C THR E 161 -14.67 47.74 3.55
N GLN E 162 -13.84 48.76 3.73
CA GLN E 162 -13.37 49.22 5.04
C GLN E 162 -13.83 50.66 5.18
N ALA E 163 -14.88 50.88 5.98
CA ALA E 163 -15.51 52.20 6.06
C ALA E 163 -14.52 53.24 6.57
N THR E 164 -14.05 53.08 7.79
CA THR E 164 -13.10 54.03 8.36
C THR E 164 -11.78 53.97 7.62
N SER E 165 -11.18 55.15 7.39
CA SER E 165 -9.91 55.24 6.69
C SER E 165 -8.78 55.81 7.54
N SER E 166 -9.07 56.32 8.73
CA SER E 166 -8.03 56.85 9.60
C SER E 166 -8.55 56.89 11.03
N VAL E 167 -7.65 56.66 11.98
CA VAL E 167 -8.01 56.62 13.40
C VAL E 167 -6.85 57.15 14.24
N PRO E 168 -7.05 58.23 14.99
CA PRO E 168 -6.06 58.59 16.02
C PRO E 168 -6.30 57.81 17.29
N VAL E 169 -5.22 57.43 17.97
CA VAL E 169 -5.30 56.60 19.16
C VAL E 169 -4.04 56.81 19.98
N THR E 170 -4.10 56.42 21.25
CA THR E 170 -3.03 56.59 22.21
C THR E 170 -2.65 55.24 22.80
N PRO E 171 -1.41 55.07 23.25
CA PRO E 171 -0.98 53.77 23.77
C PRO E 171 -1.76 53.37 25.02
N GLY E 172 -1.93 52.06 25.18
CA GLY E 172 -2.60 51.49 26.32
C GLY E 172 -4.08 51.22 26.12
N GLU E 173 -4.68 51.76 25.08
CA GLU E 173 -6.10 51.63 24.82
C GLU E 173 -6.37 50.36 24.02
N SER E 174 -7.63 50.16 23.61
CA SER E 174 -8.05 49.04 22.80
C SER E 174 -8.74 49.55 21.55
N VAL E 175 -8.49 48.88 20.42
CA VAL E 175 -8.96 49.33 19.12
C VAL E 175 -9.69 48.19 18.42
N SER E 176 -10.76 48.54 17.72
CA SER E 176 -11.51 47.60 16.89
C SER E 176 -11.51 48.13 15.46
N ILE E 177 -11.24 47.23 14.51
CA ILE E 177 -11.18 47.57 13.09
C ILE E 177 -12.21 46.71 12.38
N SER E 178 -13.03 47.33 11.54
CA SER E 178 -14.15 46.66 10.91
C SER E 178 -13.93 46.51 9.41
N CYS E 179 -14.35 45.37 8.87
CA CYS E 179 -14.31 45.09 7.44
C CYS E 179 -15.64 44.46 7.04
N ARG E 180 -16.07 44.74 5.81
CA ARG E 180 -17.33 44.25 5.30
C ARG E 180 -17.13 43.65 3.92
N SER E 181 -18.04 42.77 3.54
CA SER E 181 -17.96 42.03 2.28
C SER E 181 -19.24 42.21 1.47
N SER E 182 -19.12 42.01 0.17
CA SER E 182 -20.28 41.99 -0.71
C SER E 182 -20.86 40.60 -0.90
N LYS E 183 -20.09 39.56 -0.59
CA LYS E 183 -20.55 38.18 -0.64
C LYS E 183 -20.23 37.49 0.68
N SER E 184 -20.95 36.42 0.97
CA SER E 184 -20.71 35.64 2.17
C SER E 184 -19.45 34.82 1.99
N LEU E 185 -18.44 35.07 2.85
CA LEU E 185 -17.18 34.37 2.75
C LEU E 185 -17.22 32.98 3.38
N LEU E 186 -18.32 32.64 4.06
CA LEU E 186 -18.45 31.34 4.72
C LEU E 186 -18.79 30.28 3.68
N HIS E 187 -17.87 29.35 3.47
CA HIS E 187 -18.13 28.22 2.59
C HIS E 187 -18.96 27.17 3.32
N SER E 188 -19.48 26.21 2.56
CA SER E 188 -20.26 25.15 3.17
C SER E 188 -19.36 24.03 3.68
N ASN E 189 -18.26 24.40 4.34
CA ASN E 189 -17.44 23.43 5.04
C ASN E 189 -16.97 23.94 6.39
N GLY E 190 -17.51 25.05 6.88
CA GLY E 190 -17.14 25.61 8.16
C GLY E 190 -16.06 26.67 8.13
N ASN E 191 -15.42 26.88 6.99
CA ASN E 191 -14.31 27.82 6.88
C ASN E 191 -14.77 29.16 6.35
N THR E 192 -14.31 30.23 7.00
CA THR E 192 -14.52 31.60 6.55
C THR E 192 -13.17 32.16 6.10
N TYR E 193 -13.10 32.56 4.84
CA TYR E 193 -11.82 32.86 4.19
C TYR E 193 -11.56 34.37 4.21
N LEU E 194 -11.09 34.85 5.37
CA LEU E 194 -10.72 36.24 5.54
C LEU E 194 -9.36 36.32 6.22
N TYR E 195 -8.51 37.21 5.72
CA TYR E 195 -7.13 37.35 6.16
C TYR E 195 -6.88 38.81 6.54
N TRP E 196 -6.02 39.01 7.53
CA TRP E 196 -5.66 40.34 8.01
C TRP E 196 -4.16 40.55 7.86
N PHE E 197 -3.78 41.72 7.36
CA PHE E 197 -2.38 42.08 7.18
C PHE E 197 -2.14 43.46 7.77
N LEU E 198 -0.92 43.68 8.26
CA LEU E 198 -0.50 44.96 8.80
C LEU E 198 0.79 45.38 8.14
N GLN E 199 0.83 46.61 7.65
CA GLN E 199 2.04 47.18 7.05
C GLN E 199 2.50 48.37 7.88
N ARG E 200 3.69 48.25 8.45
CA ARG E 200 4.34 49.33 9.16
C ARG E 200 4.98 50.28 8.16
N PRO E 201 5.20 51.54 8.54
CA PRO E 201 5.79 52.50 7.61
C PRO E 201 7.16 52.05 7.12
N GLY E 202 7.35 52.13 5.80
CA GLY E 202 8.61 51.73 5.19
C GLY E 202 8.94 50.26 5.35
N GLN E 203 7.94 49.39 5.24
CA GLN E 203 8.15 47.95 5.44
C GLN E 203 7.15 47.18 4.58
N SER E 204 7.42 45.88 4.46
CA SER E 204 6.55 44.96 3.76
C SER E 204 5.38 44.54 4.64
N PRO E 205 4.26 44.14 4.05
CA PRO E 205 3.12 43.66 4.86
C PRO E 205 3.45 42.38 5.61
N GLN E 206 2.74 42.18 6.72
CA GLN E 206 2.95 41.05 7.61
C GLN E 206 1.60 40.43 7.97
N LEU E 207 1.53 39.10 7.91
CA LEU E 207 0.28 38.41 8.22
C LEU E 207 -0.03 38.46 9.71
N LEU E 208 -1.31 38.64 10.04
CA LEU E 208 -1.78 38.65 11.42
C LEU E 208 -2.78 37.54 11.70
N ILE E 209 -3.83 37.43 10.90
CA ILE E 209 -4.91 36.47 11.12
C ILE E 209 -5.21 35.80 9.79
N TYR E 210 -5.37 34.48 9.80
CA TYR E 210 -5.79 33.75 8.62
C TYR E 210 -7.06 32.96 8.92
N ARG E 211 -7.98 32.96 7.96
CA ARG E 211 -9.27 32.30 8.08
C ARG E 211 -10.09 32.82 9.26
N MET E 212 -9.99 34.12 9.51
CA MET E 212 -10.92 34.90 10.34
C MET E 212 -10.80 34.63 11.83
N SER E 213 -10.08 33.58 12.23
CA SER E 213 -9.98 33.28 13.65
C SER E 213 -8.58 32.91 14.13
N ASN E 214 -7.69 32.42 13.26
CA ASN E 214 -6.43 31.85 13.70
C ASN E 214 -5.36 32.94 13.76
N LEU E 215 -4.42 32.74 14.68
CA LEU E 215 -3.33 33.70 14.90
C LEU E 215 -2.06 33.18 14.27
N ALA E 216 -1.37 34.06 13.54
CA ALA E 216 -0.16 33.67 12.85
C ALA E 216 0.97 33.38 13.85
N SER E 217 2.00 32.70 13.35
CA SER E 217 3.14 32.34 14.19
C SER E 217 4.03 33.55 14.41
N GLY E 218 4.44 33.76 15.67
CA GLY E 218 5.25 34.91 16.02
C GLY E 218 4.50 36.19 16.26
N VAL E 219 3.17 36.14 16.28
CA VAL E 219 2.34 37.32 16.46
C VAL E 219 1.88 37.37 17.91
N PRO E 220 1.91 38.53 18.58
CA PRO E 220 1.46 38.62 19.97
C PRO E 220 0.00 38.22 20.13
N ASP E 221 -0.36 37.85 21.35
CA ASP E 221 -1.69 37.35 21.65
C ASP E 221 -2.70 38.46 21.88
N ARG E 222 -2.29 39.72 21.83
CA ARG E 222 -3.25 40.82 21.98
C ARG E 222 -4.22 40.88 20.81
N PHE E 223 -3.77 40.54 19.61
CA PHE E 223 -4.62 40.56 18.44
C PHE E 223 -5.63 39.41 18.48
N SER E 224 -6.84 39.69 18.01
CA SER E 224 -7.86 38.67 17.88
C SER E 224 -8.79 39.06 16.74
N GLY E 225 -9.51 38.07 16.22
CA GLY E 225 -10.42 38.31 15.12
C GLY E 225 -11.72 37.55 15.30
N SER E 226 -12.80 38.16 14.82
CA SER E 226 -14.10 37.52 14.87
C SER E 226 -14.95 38.07 13.72
N GLY E 227 -16.12 37.47 13.52
CA GLY E 227 -16.99 37.95 12.47
C GLY E 227 -18.12 36.99 12.21
N SER E 228 -18.92 37.34 11.20
CA SER E 228 -20.07 36.54 10.81
C SER E 228 -20.38 36.86 9.35
N GLY E 229 -20.11 35.90 8.47
CA GLY E 229 -20.70 35.89 7.15
C GLY E 229 -20.20 37.00 6.25
N THR E 230 -20.55 38.23 6.63
CA THR E 230 -20.24 39.42 5.84
C THR E 230 -19.52 40.49 6.65
N ALA E 231 -19.76 40.58 7.95
CA ALA E 231 -19.15 41.62 8.77
C ALA E 231 -18.09 41.01 9.68
N PHE E 232 -16.88 41.58 9.65
CA PHE E 232 -15.75 41.05 10.41
C PHE E 232 -15.08 42.16 11.20
N THR E 233 -14.49 41.79 12.34
CA THR E 233 -13.81 42.74 13.19
C THR E 233 -12.49 42.14 13.68
N LEU E 234 -11.50 43.02 13.84
CA LEU E 234 -10.21 42.69 14.41
C LEU E 234 -10.00 43.57 15.63
N THR E 235 -9.68 42.94 16.76
CA THR E 235 -9.57 43.65 18.03
C THR E 235 -8.15 43.55 18.56
N ILE E 236 -7.64 44.68 19.05
CA ILE E 236 -6.35 44.72 19.74
C ILE E 236 -6.62 45.00 21.22
N SER E 237 -6.51 43.96 22.04
CA SER E 237 -6.87 44.05 23.46
C SER E 237 -6.06 45.11 24.17
N ARG E 238 -4.78 45.24 23.87
CA ARG E 238 -4.05 46.36 24.52
C ARG E 238 -3.54 47.25 23.41
N LEU E 239 -2.36 47.82 23.57
CA LEU E 239 -1.77 48.60 22.45
C LEU E 239 -0.33 48.89 22.82
N GLU E 240 0.51 49.07 21.81
CA GLU E 240 1.93 49.37 22.07
C GLU E 240 2.37 50.47 21.12
N ALA E 241 3.69 50.62 20.98
CA ALA E 241 4.24 51.64 20.10
C ALA E 241 4.60 51.12 18.72
N GLU E 242 4.41 49.83 18.46
CA GLU E 242 4.78 49.23 17.18
C GLU E 242 3.57 48.74 16.39
N ASP E 243 2.35 49.11 16.81
CA ASP E 243 1.14 48.71 16.10
C ASP E 243 0.65 49.76 15.11
N VAL E 244 1.36 50.88 14.98
CA VAL E 244 0.93 51.91 14.03
C VAL E 244 1.22 51.45 12.61
N GLY E 245 0.39 51.87 11.69
CA GLY E 245 0.51 51.45 10.31
C GLY E 245 -0.87 51.28 9.69
N VAL E 246 -0.91 50.54 8.58
CA VAL E 246 -2.13 50.35 7.82
C VAL E 246 -2.55 48.89 7.92
N TYR E 247 -3.85 48.67 8.13
CA TYR E 247 -4.42 47.34 8.26
C TYR E 247 -5.29 47.04 7.05
N TYR E 248 -5.11 45.85 6.47
CA TYR E 248 -5.83 45.41 5.28
C TYR E 248 -6.55 44.10 5.55
N CYS E 249 -7.76 43.97 5.01
CA CYS E 249 -8.50 42.72 5.00
C CYS E 249 -8.54 42.18 3.58
N MET E 250 -8.38 40.87 3.44
CA MET E 250 -8.34 40.20 2.14
C MET E 250 -9.22 38.96 2.18
N GLN E 251 -9.76 38.59 1.02
CA GLN E 251 -10.59 37.40 0.89
C GLN E 251 -9.88 36.37 0.02
N HIS E 252 -10.06 35.09 0.36
CA HIS E 252 -9.49 33.98 -0.41
C HIS E 252 -10.55 32.98 -0.84
N LEU E 253 -11.81 33.40 -0.89
CA LEU E 253 -12.88 32.48 -1.27
C LEU E 253 -12.82 32.13 -2.75
N GLU E 254 -12.48 33.10 -3.60
CA GLU E 254 -12.38 32.88 -5.03
C GLU E 254 -11.48 33.94 -5.64
N TYR E 255 -10.88 33.61 -6.77
CA TYR E 255 -10.09 34.57 -7.52
C TYR E 255 -11.02 35.55 -8.22
N PRO E 256 -10.56 36.79 -8.47
CA PRO E 256 -9.20 37.33 -8.37
C PRO E 256 -8.71 37.90 -7.03
N LEU E 257 -9.09 37.37 -5.86
CA LEU E 257 -8.37 37.64 -4.61
C LEU E 257 -8.27 39.13 -4.31
N THR E 258 -9.42 39.73 -4.04
CA THR E 258 -9.51 41.17 -3.84
C THR E 258 -9.08 41.57 -2.43
N PHE E 259 -8.57 42.80 -2.33
CA PHE E 259 -8.20 43.45 -1.08
C PHE E 259 -9.22 44.53 -0.74
N GLY E 260 -8.98 45.21 0.36
CA GLY E 260 -9.77 46.38 0.72
C GLY E 260 -8.86 47.48 1.24
N ALA E 261 -9.17 48.71 0.85
CA ALA E 261 -8.33 49.84 1.23
C ALA E 261 -8.22 49.92 2.75
N GLY E 262 -6.99 49.89 3.24
CA GLY E 262 -6.76 49.68 4.66
C GLY E 262 -7.10 50.87 5.51
N THR E 263 -7.08 50.64 6.83
CA THR E 263 -7.31 51.66 7.83
C THR E 263 -5.99 52.02 8.48
N LYS E 264 -5.71 53.32 8.57
CA LYS E 264 -4.46 53.79 9.13
C LYS E 264 -4.65 54.14 10.60
N LEU E 265 -3.75 53.65 11.44
CA LEU E 265 -3.77 53.93 12.87
C LEU E 265 -2.70 54.97 13.17
N GLU E 266 -3.10 56.04 13.84
CA GLU E 266 -2.22 57.17 14.13
C GLU E 266 -1.99 57.29 15.63
N LEU E 267 -0.82 57.81 15.99
CA LEU E 267 -0.46 57.99 17.39
C LEU E 267 -1.04 59.29 17.94
C02 U9S F . -20.42 -17.69 -43.09
C04 U9S F . -20.32 -17.67 -41.55
C05 U9S F . -20.97 -18.67 -40.63
C06 U9S F . -21.83 -19.85 -41.08
O01 U9S F . -19.87 -18.66 -43.66
O03 U9S F . -21.03 -16.77 -43.67
O07 U9S F . -22.55 -19.64 -42.10
O08 U9S F . -21.80 -20.92 -40.46
O09 U9S F . -21.45 -17.35 -40.77
#